data_3LAK
#
_entry.id   3LAK
#
_cell.length_a   118.025
_cell.length_b   154.603
_cell.length_c   154.478
_cell.angle_alpha   90.00
_cell.angle_beta   90.00
_cell.angle_gamma   90.00
#
_symmetry.space_group_name_H-M   'C 2 2 21'
#
loop_
_entity.id
_entity.type
_entity.pdbx_description
1 polymer 'HIV Reverse transcriptase'
2 non-polymer 3-({3-[(2-amino-6-fluoropyridin-4-yl)methyl]-5-(1-methylethyl)-2,6-dioxo-1,2,3,6-tetrahydropyrimidin-4-yl}carbonyl)-5-methylbenzonitrile
3 non-polymer 'SULFATE ION'
4 non-polymer 'CHLORIDE ION'
5 water water
#
_entity_poly.entity_id   1
_entity_poly.type   'polypeptide(L)'
_entity_poly.pdbx_seq_one_letter_code
;PISPIETVPVKLKPGMDGPKVKQWPLTEEKIKALVEICTEMEKEGKISKIGPENPYNTPVFAIKKKDSTKWRKLVDFREL
NKRTQDFWEVQLGIPHPAGLKKKKSVTVLDVGDAYFSVPLDEDFRKYTAFTIPSINNETPGIRYQYNVLPQGWKGSPAIF
QSSMTKILEPFRKQNPDIVIYQYMDDLYVGSDLEIGQHRTKIEELRQHLLRWGLTTPDKKHQKEPPFLWMGYELHPDKWT
VQPIVLPEKDSWTVNDIQKLVGKLNWASQIYPGIKVRQLCKLLRGTKALTEVIPLTEEAELELAENREILKEPVHGVYYD
PSKDLIAEIQKQGQGQWTYQIYQEPFKNLKTGKYARMRGAHTNDVKQLTEAVQKITTESIVIWGKTPKFKLPIQKETWET
WWTEYWQATWIPEWEFVNTPPLVKLWYQLEKEPIVGAETFYVDGAANRETKLGKAGYVTNRGRQKVVTLTDTTNQKTELQ
AIYLALQDSGLEVNIVTDSQYALGIIQAQPDQSESELVNQIIEQLIKKEKVYLAWVPAHKGIGGNEQVDKLVSAGIRKVL
;
_entity_poly.pdbx_strand_id   A,B
#
loop_
_chem_comp.id
_chem_comp.type
_chem_comp.name
_chem_comp.formula
CL non-polymer 'CHLORIDE ION' 'Cl -1'
KR1 non-polymer 3-({3-[(2-amino-6-fluoropyridin-4-yl)methyl]-5-(1-methylethyl)-2,6-dioxo-1,2,3,6-tetrahydropyrimidin-4-yl}carbonyl)-5-methylbenzonitrile 'C22 H20 F N5 O3'
SO4 non-polymer 'SULFATE ION' 'O4 S -2'
#
# COMPACT_ATOMS: atom_id res chain seq x y z
N PRO A 1 19.28 0.67 39.84
CA PRO A 1 20.35 -0.12 39.20
C PRO A 1 20.62 0.36 37.79
N ILE A 2 21.73 -0.09 37.23
CA ILE A 2 22.04 0.13 35.83
C ILE A 2 22.32 -1.22 35.21
N SER A 3 21.47 -1.62 34.26
CA SER A 3 21.53 -2.95 33.68
C SER A 3 22.92 -3.30 33.22
N PRO A 4 23.36 -4.54 33.48
CA PRO A 4 24.63 -5.08 32.98
C PRO A 4 24.58 -5.52 31.52
N ILE A 5 23.45 -5.28 30.87
CA ILE A 5 23.31 -5.61 29.46
C ILE A 5 24.27 -4.80 28.60
N GLU A 6 24.80 -5.41 27.53
CA GLU A 6 25.71 -4.71 26.65
C GLU A 6 25.02 -3.51 26.01
N THR A 7 25.82 -2.53 25.63
CA THR A 7 25.29 -1.29 25.10
C THR A 7 25.02 -1.38 23.61
N VAL A 8 24.13 -0.54 23.13
CA VAL A 8 23.91 -0.36 21.71
C VAL A 8 24.88 0.69 21.17
N PRO A 9 25.69 0.32 20.17
CA PRO A 9 26.62 1.28 19.57
C PRO A 9 25.85 2.41 18.91
N VAL A 10 26.28 3.64 19.15
CA VAL A 10 25.54 4.80 18.68
C VAL A 10 26.51 5.78 18.04
N LYS A 11 26.09 6.42 16.96
CA LYS A 11 26.91 7.42 16.32
C LYS A 11 26.10 8.63 15.89
N LEU A 12 26.82 9.72 15.60
CA LEU A 12 26.21 10.93 15.09
C LEU A 12 25.99 10.78 13.58
N LYS A 13 25.17 11.66 13.01
CA LYS A 13 24.96 11.66 11.57
C LYS A 13 26.29 11.91 10.85
N PRO A 14 26.46 11.30 9.67
CA PRO A 14 27.78 11.10 9.05
C PRO A 14 28.68 12.34 8.88
N GLY A 15 28.08 13.50 8.64
CA GLY A 15 28.89 14.69 8.43
C GLY A 15 29.10 15.52 9.67
N MET A 16 28.49 15.11 10.78
CA MET A 16 28.28 16.02 11.89
C MET A 16 29.22 15.77 13.07
N ASP A 17 29.40 16.80 13.90
CA ASP A 17 30.09 16.67 15.18
C ASP A 17 29.06 16.84 16.30
N GLY A 18 29.46 16.53 17.53
CA GLY A 18 28.55 16.66 18.67
C GLY A 18 28.18 18.09 19.03
N PRO A 19 27.18 18.30 19.89
CA PRO A 19 26.70 19.67 20.15
C PRO A 19 27.72 20.49 20.92
N LYS A 20 27.67 21.81 20.79
CA LYS A 20 28.54 22.69 21.55
C LYS A 20 27.82 23.96 21.94
N VAL A 21 26.61 23.82 22.47
CA VAL A 21 25.79 24.96 22.85
C VAL A 21 26.27 25.56 24.16
N LYS A 22 25.94 26.83 24.38
CA LYS A 22 26.49 27.60 25.48
C LYS A 22 25.51 27.57 26.63
N GLN A 23 26.01 27.31 27.84
CA GLN A 23 25.16 27.31 29.02
C GLN A 23 24.73 28.73 29.34
N TRP A 24 23.43 28.98 29.34
CA TRP A 24 22.92 30.26 29.84
C TRP A 24 23.30 30.35 31.32
N PRO A 25 23.57 31.58 31.81
CA PRO A 25 23.70 31.72 33.27
C PRO A 25 22.35 31.57 33.97
N LEU A 26 22.35 30.87 35.10
CA LEU A 26 21.13 30.58 35.82
C LEU A 26 21.10 31.33 37.16
N THR A 27 19.90 31.51 37.72
CA THR A 27 19.77 32.04 39.07
C THR A 27 20.40 31.09 40.09
N GLU A 28 20.54 31.55 41.34
CA GLU A 28 21.24 30.76 42.33
C GLU A 28 20.41 29.56 42.79
N GLU A 29 19.11 29.76 42.93
CA GLU A 29 18.27 28.69 43.42
C GLU A 29 18.15 27.58 42.40
N LYS A 30 18.26 27.92 41.12
CA LYS A 30 18.31 26.91 40.07
C LYS A 30 19.65 26.21 40.07
N ILE A 31 20.73 26.97 40.26
CA ILE A 31 22.05 26.36 40.37
C ILE A 31 22.10 25.41 41.56
N LYS A 32 21.46 25.81 42.66
CA LYS A 32 21.46 24.99 43.87
C LYS A 32 20.66 23.70 43.64
N ALA A 33 19.50 23.84 43.00
CA ALA A 33 18.67 22.67 42.74
C ALA A 33 19.38 21.66 41.83
N LEU A 34 20.13 22.18 40.86
CA LEU A 34 20.83 21.31 39.93
C LEU A 34 21.96 20.56 40.63
N VAL A 35 22.72 21.26 41.46
CA VAL A 35 23.81 20.64 42.19
C VAL A 35 23.26 19.48 43.01
N GLU A 36 22.17 19.71 43.72
CA GLU A 36 21.59 18.69 44.58
C GLU A 36 21.09 17.51 43.77
N ILE A 37 20.38 17.77 42.68
CA ILE A 37 19.95 16.70 41.78
C ILE A 37 21.11 15.91 41.17
N CYS A 38 22.15 16.62 40.73
CA CYS A 38 23.25 15.97 40.02
C CYS A 38 24.12 15.15 40.96
N THR A 39 24.26 15.64 42.18
CA THR A 39 25.03 14.91 43.18
C THR A 39 24.36 13.58 43.46
N GLU A 40 23.04 13.59 43.56
CA GLU A 40 22.32 12.35 43.84
C GLU A 40 22.40 11.38 42.66
N MET A 41 22.31 11.90 41.44
CA MET A 41 22.43 11.07 40.24
C MET A 41 23.86 10.54 40.14
N GLU A 42 24.83 11.37 40.51
CA GLU A 42 26.21 10.94 40.45
C GLU A 42 26.48 9.76 41.38
N LYS A 43 25.80 9.75 42.53
CA LYS A 43 25.98 8.68 43.52
C LYS A 43 25.47 7.33 43.02
N GLU A 44 24.47 7.36 42.15
CA GLU A 44 23.88 6.13 41.62
C GLU A 44 24.55 5.73 40.30
N GLY A 45 25.45 6.57 39.81
CA GLY A 45 26.20 6.24 38.61
C GLY A 45 25.52 6.71 37.34
N LYS A 46 24.41 7.42 37.47
CA LYS A 46 23.66 7.87 36.31
C LYS A 46 24.54 8.80 35.48
N ILE A 47 25.31 9.63 36.18
CA ILE A 47 26.21 10.58 35.51
C ILE A 47 27.57 10.60 36.19
N SER A 48 28.59 10.94 35.42
CA SER A 48 29.95 11.06 35.94
C SER A 48 30.49 12.46 35.63
N LYS A 49 31.14 13.09 36.60
CA LYS A 49 31.66 14.42 36.35
C LYS A 49 32.92 14.36 35.50
N ILE A 50 33.12 15.39 34.69
CA ILE A 50 34.24 15.43 33.77
C ILE A 50 34.89 16.81 33.83
N GLY A 51 36.11 16.91 33.33
CA GLY A 51 36.66 18.21 33.02
C GLY A 51 37.02 18.23 31.55
N PRO A 52 37.44 19.38 31.00
CA PRO A 52 37.98 19.29 29.62
C PRO A 52 39.13 18.27 29.63
N GLU A 53 39.49 17.75 28.47
CA GLU A 53 39.28 18.38 27.18
C GLU A 53 37.86 18.45 26.61
N ASN A 54 36.94 17.64 27.14
CA ASN A 54 35.61 17.50 26.54
C ASN A 54 34.97 18.84 26.16
N PRO A 55 34.91 19.11 24.84
CA PRO A 55 34.46 20.35 24.18
C PRO A 55 32.96 20.48 23.99
N TYR A 56 32.22 19.42 24.27
CA TYR A 56 30.80 19.43 23.96
C TYR A 56 29.99 20.04 25.09
N ASN A 57 28.80 20.52 24.77
CA ASN A 57 27.93 21.00 25.82
C ASN A 57 26.48 21.09 25.39
N THR A 58 25.58 20.73 26.31
CA THR A 58 24.15 20.90 26.10
C THR A 58 23.59 21.67 27.30
N PRO A 59 22.76 22.69 27.05
CA PRO A 59 22.21 23.51 28.12
C PRO A 59 21.32 22.73 29.10
N VAL A 60 21.43 23.07 30.38
CA VAL A 60 20.57 22.50 31.42
C VAL A 60 19.71 23.58 32.07
N PHE A 61 18.54 23.16 32.54
CA PHE A 61 17.63 24.08 33.19
C PHE A 61 16.99 23.37 34.39
N ALA A 62 16.34 24.12 35.25
CA ALA A 62 15.61 23.52 36.37
C ALA A 62 14.25 24.19 36.53
N ILE A 63 13.22 23.37 36.68
CA ILE A 63 11.86 23.89 36.89
C ILE A 63 11.30 23.41 38.22
N LYS A 64 10.44 24.23 38.82
CA LYS A 64 9.76 23.89 40.06
C LYS A 64 8.57 22.96 39.79
N LYS A 65 8.63 21.75 40.35
CA LYS A 65 7.63 20.72 40.12
C LYS A 65 6.25 21.11 40.66
N LYS A 66 5.32 21.37 39.73
CA LYS A 66 3.99 21.88 40.06
C LYS A 66 4.03 22.98 41.13
N ASP A 67 2.98 23.08 41.92
CA ASP A 67 2.96 23.96 43.08
C ASP A 67 3.95 23.49 44.15
N SER A 68 4.37 22.23 44.04
CA SER A 68 5.24 21.60 45.04
C SER A 68 6.60 22.28 45.16
N THR A 69 7.36 21.89 46.18
CA THR A 69 8.69 22.45 46.41
C THR A 69 9.80 21.52 45.92
N LYS A 70 9.46 20.68 44.95
CA LYS A 70 10.43 19.77 44.35
C LYS A 70 10.96 20.36 43.04
N TRP A 71 12.25 20.20 42.78
CA TRP A 71 12.85 20.68 41.54
C TRP A 71 13.09 19.52 40.58
N ARG A 72 13.00 19.80 39.29
CA ARG A 72 13.36 18.81 38.28
C ARG A 72 14.42 19.37 37.34
N LYS A 73 15.28 18.49 36.86
CA LYS A 73 16.31 18.86 35.91
C LYS A 73 15.83 18.65 34.48
N LEU A 74 15.62 19.76 33.77
CA LEU A 74 15.32 19.70 32.34
C LEU A 74 16.60 19.86 31.54
N VAL A 75 16.83 18.95 30.59
CA VAL A 75 17.93 19.07 29.65
C VAL A 75 17.37 19.34 28.25
N ASP A 76 17.96 20.31 27.56
CA ASP A 76 17.49 20.67 26.22
C ASP A 76 18.38 20.01 25.17
N PHE A 77 18.01 18.80 24.77
CA PHE A 77 18.81 18.01 23.84
C PHE A 77 18.47 18.30 22.38
N ARG A 78 17.85 19.44 22.11
CA ARG A 78 17.45 19.81 20.77
C ARG A 78 18.58 19.63 19.75
N GLU A 79 19.80 20.05 20.10
CA GLU A 79 20.93 20.02 19.16
C GLU A 79 21.55 18.65 19.03
N LEU A 80 21.88 18.04 20.16
CA LEU A 80 22.40 16.69 20.15
C LEU A 80 21.46 15.81 19.33
N ASN A 81 20.15 16.01 19.50
CA ASN A 81 19.16 15.20 18.79
C ASN A 81 19.17 15.44 17.28
N LYS A 82 19.34 16.70 16.85
CA LYS A 82 19.47 16.99 15.42
C LYS A 82 20.70 16.26 14.89
N ARG A 83 21.70 16.10 15.74
CA ARG A 83 22.99 15.58 15.31
C ARG A 83 23.12 14.08 15.53
N THR A 84 22.12 13.48 16.16
CA THR A 84 22.15 12.05 16.42
C THR A 84 21.55 11.26 15.25
N GLN A 85 22.09 10.07 15.00
CA GLN A 85 21.61 9.18 13.94
C GLN A 85 20.13 8.88 14.10
N ASP A 86 19.48 8.56 12.99
CA ASP A 86 18.14 7.98 13.04
C ASP A 86 18.21 6.55 13.58
N PHE A 87 17.16 6.14 14.30
CA PHE A 87 17.03 4.78 14.75
C PHE A 87 15.83 4.18 14.05
N TRP A 88 15.73 2.86 14.06
CA TRP A 88 14.53 2.21 13.56
C TRP A 88 13.39 2.57 14.50
N GLU A 89 12.17 2.57 13.97
CA GLU A 89 11.01 2.97 14.76
C GLU A 89 10.82 2.09 15.99
N VAL A 90 10.43 2.74 17.10
CA VAL A 90 10.36 2.09 18.40
C VAL A 90 9.36 0.94 18.47
N GLN A 91 8.25 1.08 17.76
CA GLN A 91 7.13 0.14 17.86
C GLN A 91 5.94 0.65 17.04
N LEU A 92 5.79 0.16 15.80
CA LEU A 92 4.88 0.74 14.83
C LEU A 92 3.47 0.14 14.84
N GLY A 93 2.63 0.63 15.76
CA GLY A 93 1.32 0.04 15.97
C GLY A 93 1.19 -0.36 17.43
N ILE A 94 0.05 -0.04 18.03
CA ILE A 94 -0.17 -0.41 19.43
C ILE A 94 -1.24 -1.48 19.50
N PRO A 95 -1.17 -2.35 20.52
CA PRO A 95 -2.08 -3.48 20.64
C PRO A 95 -3.51 -2.98 20.73
N HIS A 96 -4.44 -3.73 20.15
CA HIS A 96 -5.85 -3.43 20.29
C HIS A 96 -6.49 -4.47 21.19
N PRO A 97 -7.31 -4.03 22.17
CA PRO A 97 -7.89 -4.97 23.12
C PRO A 97 -8.58 -6.15 22.43
N ALA A 98 -9.31 -5.86 21.34
CA ALA A 98 -10.05 -6.89 20.60
C ALA A 98 -9.15 -8.03 20.09
N GLY A 99 -7.86 -7.76 20.04
CA GLY A 99 -6.90 -8.76 19.58
C GLY A 99 -6.25 -9.59 20.68
N LEU A 100 -6.51 -9.25 21.95
CA LEU A 100 -5.99 -10.03 23.08
C LEU A 100 -6.74 -11.37 23.26
N LYS A 101 -6.00 -12.44 23.56
CA LYS A 101 -6.65 -13.69 24.01
C LYS A 101 -7.19 -13.47 25.42
N LYS A 102 -8.14 -14.30 25.82
CA LYS A 102 -8.63 -14.30 27.19
C LYS A 102 -7.52 -14.94 28.07
N LYS A 103 -7.31 -14.38 29.26
CA LYS A 103 -6.33 -14.95 30.19
C LYS A 103 -6.92 -15.19 31.58
N LYS A 104 -6.73 -16.38 32.11
CA LYS A 104 -7.17 -16.67 33.49
C LYS A 104 -6.57 -15.68 34.51
N SER A 105 -5.26 -15.45 34.43
CA SER A 105 -4.62 -14.52 35.36
C SER A 105 -3.55 -13.64 34.71
N VAL A 106 -3.53 -12.37 35.10
CA VAL A 106 -2.61 -11.41 34.51
C VAL A 106 -2.06 -10.42 35.54
N THR A 107 -0.86 -9.91 35.26
CA THR A 107 -0.16 -8.96 36.12
C THR A 107 0.34 -7.79 35.27
N VAL A 108 0.21 -6.57 35.80
CA VAL A 108 0.82 -5.40 35.18
C VAL A 108 2.11 -4.99 35.90
N LEU A 109 3.21 -4.92 35.17
CA LEU A 109 4.49 -4.47 35.71
C LEU A 109 5.01 -3.24 34.96
N ASP A 110 5.39 -2.20 35.69
CA ASP A 110 6.12 -1.08 35.08
C ASP A 110 7.55 -1.04 35.64
N VAL A 111 8.51 -0.91 34.74
CA VAL A 111 9.90 -0.74 35.10
C VAL A 111 10.15 0.61 35.79
N GLY A 112 10.88 0.59 36.91
CA GLY A 112 11.16 1.83 37.62
C GLY A 112 12.35 2.53 37.02
N ASP A 113 12.22 3.84 36.80
CA ASP A 113 13.31 4.64 36.25
C ASP A 113 13.90 4.02 34.99
N ALA A 114 13.02 3.69 34.06
CA ALA A 114 13.36 2.88 32.89
C ALA A 114 14.65 3.33 32.21
N TYR A 115 14.67 4.57 31.72
CA TYR A 115 15.82 5.08 30.97
C TYR A 115 17.10 5.09 31.79
N PHE A 116 17.01 5.51 33.05
CA PHE A 116 18.19 5.65 33.87
C PHE A 116 18.74 4.28 34.29
N SER A 117 17.97 3.24 34.02
CA SER A 117 18.37 1.87 34.30
C SER A 117 19.02 1.18 33.12
N VAL A 118 19.34 1.94 32.07
CA VAL A 118 20.00 1.35 30.92
C VAL A 118 21.21 2.17 30.49
N PRO A 119 22.34 1.49 30.28
CA PRO A 119 23.64 2.12 30.01
C PRO A 119 23.72 2.68 28.60
N LEU A 120 24.48 3.75 28.44
CA LEU A 120 24.68 4.43 27.17
C LEU A 120 26.03 4.01 26.58
N ASP A 121 26.06 3.80 25.27
CA ASP A 121 27.29 3.48 24.56
C ASP A 121 28.45 4.33 25.06
N GLU A 122 29.48 3.67 25.56
CA GLU A 122 30.60 4.35 26.18
C GLU A 122 31.19 5.43 25.26
N ASP A 123 31.27 5.11 23.97
CA ASP A 123 31.87 6.02 22.99
C ASP A 123 31.03 7.26 22.75
N PHE A 124 29.79 7.24 23.23
CA PHE A 124 28.85 8.28 22.87
C PHE A 124 28.58 9.20 24.05
N ARG A 125 28.95 8.76 25.24
CA ARG A 125 28.63 9.51 26.45
C ARG A 125 29.14 10.94 26.44
N LYS A 126 30.26 11.18 25.76
CA LYS A 126 30.88 12.49 25.80
C LYS A 126 30.03 13.57 25.14
N TYR A 127 29.18 13.18 24.20
CA TYR A 127 28.33 14.14 23.52
C TYR A 127 27.16 14.59 24.39
N THR A 128 26.99 13.97 25.56
CA THR A 128 25.88 14.33 26.44
C THR A 128 26.34 15.29 27.53
N ALA A 129 27.57 15.77 27.43
CA ALA A 129 28.15 16.64 28.44
C ALA A 129 27.29 17.89 28.66
N PHE A 130 27.03 18.21 29.92
CA PHE A 130 26.38 19.48 30.26
C PHE A 130 27.15 20.16 31.39
N THR A 131 26.76 21.39 31.72
CA THR A 131 27.52 22.16 32.69
C THR A 131 26.60 22.90 33.65
N ILE A 132 26.80 22.67 34.94
CA ILE A 132 26.11 23.50 35.93
C ILE A 132 26.95 24.77 36.08
N PRO A 133 26.40 25.91 35.68
CA PRO A 133 27.18 27.15 35.72
C PRO A 133 27.43 27.57 37.17
N SER A 134 28.54 28.27 37.42
CA SER A 134 28.79 28.86 38.74
C SER A 134 27.96 30.12 38.91
N ILE A 135 27.82 30.58 40.14
CA ILE A 135 27.03 31.79 40.41
C ILE A 135 27.49 32.94 39.53
N ASN A 136 26.55 33.47 38.75
CA ASN A 136 26.82 34.50 37.75
C ASN A 136 27.92 34.13 36.76
N ASN A 137 28.20 32.83 36.67
CA ASN A 137 29.05 32.29 35.61
C ASN A 137 30.50 32.75 35.74
N GLU A 138 30.89 33.17 36.94
CA GLU A 138 32.21 33.76 37.15
C GLU A 138 33.34 32.73 37.06
N THR A 139 33.15 31.58 37.69
CA THR A 139 34.18 30.54 37.68
C THR A 139 33.76 29.33 36.85
N PRO A 140 34.72 28.45 36.54
CA PRO A 140 34.45 27.24 35.75
C PRO A 140 33.32 26.38 36.35
N GLY A 141 32.40 25.94 35.48
CA GLY A 141 31.23 25.22 35.93
C GLY A 141 31.53 23.78 36.31
N ILE A 142 30.51 23.08 36.77
CA ILE A 142 30.65 21.68 37.13
C ILE A 142 30.12 20.84 35.97
N ARG A 143 30.98 20.03 35.39
CA ARG A 143 30.65 19.34 34.15
C ARG A 143 30.44 17.86 34.36
N TYR A 144 29.32 17.36 33.83
CA TYR A 144 28.96 15.94 33.90
C TYR A 144 28.69 15.41 32.48
N GLN A 145 28.65 14.09 32.37
CA GLN A 145 28.16 13.43 31.17
C GLN A 145 27.37 12.18 31.60
N TYR A 146 26.34 11.85 30.83
CA TYR A 146 25.50 10.70 31.17
C TYR A 146 26.20 9.37 30.95
N ASN A 147 25.86 8.38 31.77
CA ASN A 147 26.31 7.00 31.55
C ASN A 147 25.09 6.16 31.15
N VAL A 148 23.91 6.77 31.27
CA VAL A 148 22.65 6.09 31.01
C VAL A 148 21.81 6.85 29.97
N LEU A 149 20.70 6.25 29.56
CA LEU A 149 19.81 6.85 28.57
C LEU A 149 19.15 8.13 29.09
N PRO A 150 19.48 9.29 28.51
CA PRO A 150 18.94 10.55 29.01
C PRO A 150 17.48 10.70 28.65
N GLN A 151 16.70 11.31 29.53
CA GLN A 151 15.34 11.71 29.18
C GLN A 151 15.39 12.75 28.08
N GLY A 152 14.61 12.53 27.03
CA GLY A 152 14.47 13.53 25.99
C GLY A 152 15.57 13.48 24.93
N TRP A 153 16.47 12.51 25.05
CA TRP A 153 17.38 12.23 23.95
C TRP A 153 16.72 11.30 22.93
N LYS A 154 17.04 11.52 21.66
CA LYS A 154 16.39 10.88 20.52
C LYS A 154 16.43 9.35 20.56
N GLY A 155 17.52 8.79 21.08
CA GLY A 155 17.74 7.35 21.01
C GLY A 155 17.19 6.55 22.18
N SER A 156 16.73 7.23 23.23
CA SER A 156 16.38 6.55 24.46
C SER A 156 15.25 5.53 24.33
N PRO A 157 14.11 5.94 23.73
CA PRO A 157 12.99 4.99 23.68
C PRO A 157 13.30 3.72 22.88
N ALA A 158 14.03 3.86 21.78
CA ALA A 158 14.38 2.71 20.95
C ALA A 158 15.39 1.78 21.66
N ILE A 159 16.40 2.37 22.30
CA ILE A 159 17.44 1.55 22.91
C ILE A 159 16.90 0.85 24.16
N PHE A 160 16.03 1.54 24.90
CA PHE A 160 15.37 0.91 26.02
C PHE A 160 14.56 -0.31 25.58
N GLN A 161 13.66 -0.10 24.61
CA GLN A 161 12.82 -1.17 24.12
C GLN A 161 13.62 -2.37 23.67
N SER A 162 14.73 -2.14 22.96
CA SER A 162 15.54 -3.26 22.48
C SER A 162 16.28 -3.94 23.62
N SER A 163 16.59 -3.18 24.68
CA SER A 163 17.25 -3.78 25.85
C SER A 163 16.27 -4.68 26.59
N MET A 164 15.03 -4.23 26.72
CA MET A 164 14.02 -5.04 27.41
C MET A 164 13.81 -6.34 26.64
N THR A 165 13.83 -6.21 25.31
CA THR A 165 13.62 -7.34 24.43
C THR A 165 14.76 -8.33 24.51
N LYS A 166 16.00 -7.85 24.60
CA LYS A 166 17.12 -8.78 24.70
C LYS A 166 17.05 -9.49 26.03
N ILE A 167 16.75 -8.75 27.08
CA ILE A 167 16.64 -9.29 28.43
C ILE A 167 15.49 -10.28 28.61
N LEU A 168 14.33 -9.98 28.02
CA LEU A 168 13.16 -10.84 28.17
C LEU A 168 13.33 -12.17 27.42
N GLU A 169 14.14 -12.16 26.38
CA GLU A 169 14.25 -13.31 25.50
C GLU A 169 14.46 -14.65 26.21
N PRO A 170 15.43 -14.74 27.15
CA PRO A 170 15.69 -16.05 27.78
C PRO A 170 14.48 -16.53 28.56
N PHE A 171 13.75 -15.59 29.16
CA PHE A 171 12.57 -15.95 29.93
C PHE A 171 11.46 -16.41 29.00
N ARG A 172 11.46 -15.92 27.77
CA ARG A 172 10.46 -16.31 26.79
C ARG A 172 10.71 -17.73 26.30
N LYS A 173 11.97 -18.05 26.02
CA LYS A 173 12.33 -19.38 25.54
C LYS A 173 11.88 -20.42 26.57
N GLN A 174 12.18 -20.16 27.84
CA GLN A 174 11.89 -21.10 28.91
C GLN A 174 10.43 -21.05 29.34
N ASN A 175 9.66 -20.12 28.77
CA ASN A 175 8.28 -19.98 29.18
C ASN A 175 7.35 -19.60 28.02
N PRO A 176 7.21 -20.50 27.05
CA PRO A 176 6.32 -20.26 25.91
C PRO A 176 4.86 -20.06 26.33
N ASP A 177 4.41 -20.85 27.31
CA ASP A 177 3.02 -20.79 27.75
C ASP A 177 2.62 -19.40 28.27
N ILE A 178 3.59 -18.50 28.40
CA ILE A 178 3.32 -17.22 29.06
C ILE A 178 3.43 -16.03 28.12
N VAL A 179 2.51 -15.10 28.28
CA VAL A 179 2.42 -13.95 27.40
C VAL A 179 2.99 -12.68 28.04
N ILE A 180 3.84 -11.99 27.30
CA ILE A 180 4.39 -10.71 27.75
C ILE A 180 4.27 -9.68 26.63
N TYR A 181 3.45 -8.66 26.85
CA TYR A 181 3.40 -7.57 25.90
C TYR A 181 4.31 -6.43 26.35
N GLN A 182 5.14 -5.93 25.44
CA GLN A 182 5.96 -4.76 25.76
C GLN A 182 5.31 -3.49 25.24
N TYR A 183 5.08 -2.55 26.15
CA TYR A 183 4.62 -1.23 25.73
C TYR A 183 5.28 -0.17 26.58
N MET A 184 6.15 0.61 25.94
CA MET A 184 6.88 1.66 26.62
C MET A 184 7.65 1.02 27.80
N ASP A 185 7.49 1.53 29.00
CA ASP A 185 8.24 0.92 30.08
C ASP A 185 7.34 0.03 30.91
N ASP A 186 6.28 -0.45 30.27
CA ASP A 186 5.36 -1.40 30.89
C ASP A 186 5.60 -2.81 30.37
N LEU A 187 5.25 -3.78 31.20
CA LEU A 187 5.09 -5.15 30.74
C LEU A 187 3.70 -5.59 31.16
N TYR A 188 3.00 -6.31 30.28
CA TYR A 188 1.73 -6.93 30.64
C TYR A 188 1.85 -8.44 30.45
N VAL A 189 1.57 -9.17 31.52
CA VAL A 189 1.95 -10.57 31.66
C VAL A 189 0.72 -11.41 31.97
N GLY A 190 0.57 -12.52 31.24
CA GLY A 190 -0.65 -13.29 31.37
C GLY A 190 -0.43 -14.76 31.16
N SER A 191 -1.18 -15.56 31.90
CA SER A 191 -1.17 -17.01 31.72
C SER A 191 -2.56 -17.55 31.97
N ASP A 192 -2.70 -18.87 31.78
CA ASP A 192 -3.89 -19.56 32.22
C ASP A 192 -3.55 -20.50 33.37
N LEU A 193 -2.67 -20.03 34.26
CA LEU A 193 -2.45 -20.66 35.55
C LEU A 193 -3.41 -20.03 36.54
N GLU A 194 -3.84 -20.82 37.52
CA GLU A 194 -4.56 -20.29 38.68
C GLU A 194 -3.62 -19.38 39.47
N ILE A 195 -4.20 -18.44 40.22
CA ILE A 195 -3.46 -17.38 40.89
C ILE A 195 -2.13 -17.84 41.49
N GLY A 196 -2.15 -19.02 42.12
CA GLY A 196 -0.97 -19.50 42.82
C GLY A 196 0.25 -19.70 41.94
N GLN A 197 0.16 -20.63 41.00
CA GLN A 197 1.30 -20.92 40.13
C GLN A 197 1.60 -19.75 39.20
N HIS A 198 0.76 -18.72 39.24
CA HIS A 198 0.96 -17.53 38.42
C HIS A 198 1.77 -16.49 39.18
N ARG A 199 1.31 -16.13 40.39
CA ARG A 199 2.05 -15.21 41.25
C ARG A 199 3.48 -15.70 41.40
N THR A 200 3.65 -17.01 41.33
CA THR A 200 4.96 -17.65 41.42
C THR A 200 5.80 -17.43 40.16
N LYS A 201 5.18 -17.57 39.00
CA LYS A 201 5.86 -17.33 37.74
C LYS A 201 6.20 -15.85 37.60
N ILE A 202 5.32 -14.99 38.10
CA ILE A 202 5.62 -13.56 38.13
C ILE A 202 6.91 -13.29 38.88
N GLU A 203 7.05 -13.88 40.06
CA GLU A 203 8.23 -13.70 40.88
C GLU A 203 9.51 -14.15 40.16
N GLU A 204 9.45 -15.27 39.45
CA GLU A 204 10.59 -15.68 38.63
C GLU A 204 10.91 -14.55 37.64
N LEU A 205 9.87 -13.94 37.10
CA LEU A 205 10.03 -12.92 36.06
C LEU A 205 10.62 -11.66 36.67
N ARG A 206 10.07 -11.22 37.79
CA ARG A 206 10.63 -10.06 38.47
C ARG A 206 12.10 -10.30 38.84
N GLN A 207 12.42 -11.51 39.25
CA GLN A 207 13.78 -11.82 39.70
C GLN A 207 14.72 -11.82 38.52
N HIS A 208 14.24 -12.36 37.40
CA HIS A 208 15.04 -12.36 36.19
C HIS A 208 15.29 -10.92 35.78
N LEU A 209 14.27 -10.08 35.96
CA LEU A 209 14.37 -8.69 35.59
C LEU A 209 15.36 -7.98 36.50
N LEU A 210 15.32 -8.34 37.79
CA LEU A 210 16.24 -7.72 38.75
C LEU A 210 17.69 -8.11 38.47
N ARG A 211 17.92 -9.37 38.09
CA ARG A 211 19.27 -9.78 37.75
C ARG A 211 19.83 -8.84 36.70
N TRP A 212 18.95 -8.23 35.92
CA TRP A 212 19.36 -7.45 34.77
C TRP A 212 19.16 -5.95 34.96
N GLY A 213 18.94 -5.57 36.22
CA GLY A 213 18.96 -4.16 36.59
C GLY A 213 17.62 -3.49 36.57
N LEU A 214 16.56 -4.23 36.26
CA LEU A 214 15.24 -3.65 36.15
C LEU A 214 14.35 -3.96 37.35
N THR A 215 13.96 -2.91 38.06
CA THR A 215 13.07 -3.04 39.21
C THR A 215 11.62 -2.91 38.79
N THR A 216 10.74 -3.61 39.50
CA THR A 216 9.33 -3.70 39.15
C THR A 216 8.51 -3.69 40.44
N PRO A 217 7.21 -3.33 40.35
CA PRO A 217 6.37 -3.31 41.55
C PRO A 217 6.18 -4.71 42.11
N ASP A 218 6.24 -4.84 43.44
CA ASP A 218 5.97 -6.12 44.09
C ASP A 218 4.48 -6.36 44.16
N LYS A 219 4.11 -7.59 44.50
CA LYS A 219 2.71 -7.97 44.67
C LYS A 219 1.85 -6.86 45.26
N LYS A 220 2.33 -6.22 46.31
CA LYS A 220 1.53 -5.26 47.05
C LYS A 220 1.26 -4.01 46.23
N HIS A 221 2.17 -3.71 45.31
CA HIS A 221 2.15 -2.43 44.62
C HIS A 221 1.67 -2.52 43.17
N GLN A 222 1.49 -3.74 42.67
CA GLN A 222 0.96 -3.95 41.33
C GLN A 222 -0.51 -3.52 41.22
N LYS A 223 -0.83 -2.82 40.14
CA LYS A 223 -2.20 -2.34 39.92
C LYS A 223 -3.20 -3.48 39.90
N GLU A 224 -4.46 -3.16 40.18
CA GLU A 224 -5.51 -4.17 40.18
C GLU A 224 -6.57 -3.92 39.12
N PRO A 225 -7.19 -5.00 38.62
CA PRO A 225 -8.30 -5.01 37.66
C PRO A 225 -9.54 -4.29 38.22
N PRO A 226 -10.28 -3.56 37.37
CA PRO A 226 -10.03 -3.35 35.93
C PRO A 226 -8.88 -2.37 35.64
N PHE A 227 -8.25 -2.52 34.48
CA PHE A 227 -7.18 -1.63 34.08
C PHE A 227 -7.70 -0.58 33.12
N LEU A 228 -7.38 0.68 33.42
CA LEU A 228 -7.65 1.74 32.48
C LEU A 228 -6.38 1.98 31.69
N TRP A 229 -6.39 1.55 30.43
CA TRP A 229 -5.18 1.55 29.61
C TRP A 229 -5.45 2.21 28.28
N MET A 230 -4.92 3.41 28.07
CA MET A 230 -4.93 4.03 26.74
C MET A 230 -6.33 4.26 26.16
N GLY A 231 -7.24 4.79 26.98
CA GLY A 231 -8.59 5.06 26.52
C GLY A 231 -9.51 3.87 26.68
N TYR A 232 -8.96 2.73 27.09
CA TYR A 232 -9.75 1.52 27.21
C TYR A 232 -9.96 1.13 28.66
N GLU A 233 -10.87 0.18 28.87
CA GLU A 233 -11.09 -0.39 30.19
C GLU A 233 -11.05 -1.90 30.03
N LEU A 234 -10.06 -2.55 30.62
CA LEU A 234 -9.85 -3.96 30.38
C LEU A 234 -10.29 -4.78 31.59
N HIS A 235 -11.19 -5.73 31.37
CA HIS A 235 -11.67 -6.60 32.44
C HIS A 235 -11.32 -8.04 32.14
N PRO A 236 -11.56 -8.95 33.08
CA PRO A 236 -11.19 -10.35 32.89
C PRO A 236 -11.83 -11.05 31.68
N ASP A 237 -13.03 -10.65 31.28
CA ASP A 237 -13.63 -11.27 30.10
C ASP A 237 -14.37 -10.33 29.15
N LYS A 238 -14.18 -9.03 29.32
CA LYS A 238 -14.65 -8.07 28.35
C LYS A 238 -13.78 -6.82 28.37
N TRP A 239 -13.90 -6.00 27.33
CA TRP A 239 -13.24 -4.70 27.27
C TRP A 239 -14.22 -3.68 26.73
N THR A 240 -13.98 -2.41 27.05
CA THR A 240 -14.76 -1.35 26.43
C THR A 240 -13.89 -0.11 26.40
N VAL A 241 -14.39 0.95 25.79
CA VAL A 241 -13.75 2.24 25.86
C VAL A 241 -14.09 2.92 27.19
N GLN A 242 -13.22 3.82 27.64
CA GLN A 242 -13.45 4.48 28.92
C GLN A 242 -14.63 5.42 28.82
N PRO A 243 -15.29 5.67 29.95
CA PRO A 243 -16.58 6.36 29.92
C PRO A 243 -16.55 7.65 29.10
N ILE A 244 -17.54 7.80 28.23
CA ILE A 244 -17.60 8.92 27.31
C ILE A 244 -18.77 9.83 27.65
N VAL A 245 -18.47 11.11 27.90
CA VAL A 245 -19.52 12.07 28.21
C VAL A 245 -19.65 13.13 27.12
N LEU A 246 -20.82 13.16 26.47
CA LEU A 246 -21.11 14.16 25.46
C LEU A 246 -21.74 15.38 26.11
N PRO A 247 -21.00 16.50 26.15
CA PRO A 247 -21.48 17.72 26.83
C PRO A 247 -22.81 18.23 26.29
N GLU A 248 -23.61 18.82 27.16
CA GLU A 248 -24.77 19.59 26.75
C GLU A 248 -24.37 21.05 26.74
N LYS A 249 -24.61 21.72 25.62
CA LYS A 249 -24.26 23.13 25.46
C LYS A 249 -25.35 23.83 24.68
N ASP A 250 -25.63 25.09 25.05
CA ASP A 250 -26.53 25.91 24.26
C ASP A 250 -25.89 26.19 22.90
N SER A 251 -24.63 26.61 22.92
CA SER A 251 -23.93 26.92 21.69
C SER A 251 -22.60 26.18 21.60
N TRP A 252 -22.33 25.65 20.41
CA TRP A 252 -21.14 24.85 20.16
C TRP A 252 -20.09 25.67 19.40
N THR A 253 -18.85 25.59 19.84
CA THR A 253 -17.75 26.20 19.10
C THR A 253 -17.11 25.15 18.19
N VAL A 254 -16.31 25.64 17.22
CA VAL A 254 -15.49 24.75 16.39
C VAL A 254 -14.75 23.71 17.23
N ASN A 255 -14.05 24.17 18.27
CA ASN A 255 -13.31 23.28 19.15
C ASN A 255 -14.18 22.26 19.92
N ASP A 256 -15.38 22.65 20.36
CA ASP A 256 -16.32 21.74 21.03
C ASP A 256 -16.78 20.62 20.09
N ILE A 257 -16.96 20.96 18.82
CA ILE A 257 -17.46 20.01 17.84
C ILE A 257 -16.37 19.05 17.38
N GLN A 258 -15.14 19.54 17.32
CA GLN A 258 -13.99 18.69 17.02
C GLN A 258 -13.82 17.65 18.12
N LYS A 259 -13.94 18.09 19.36
CA LYS A 259 -13.75 17.21 20.49
C LYS A 259 -14.88 16.18 20.59
N LEU A 260 -16.10 16.63 20.31
CA LEU A 260 -17.25 15.74 20.23
C LEU A 260 -17.04 14.67 19.15
N VAL A 261 -16.56 15.07 17.97
CA VAL A 261 -16.32 14.14 16.88
C VAL A 261 -15.20 13.15 17.21
N GLY A 262 -14.18 13.61 17.92
CA GLY A 262 -13.13 12.73 18.39
C GLY A 262 -13.65 11.70 19.38
N LYS A 263 -14.45 12.13 20.33
CA LYS A 263 -15.05 11.21 21.29
C LYS A 263 -15.96 10.20 20.60
N LEU A 264 -16.79 10.66 19.67
CA LEU A 264 -17.68 9.75 18.95
C LEU A 264 -16.85 8.74 18.15
N ASN A 265 -15.83 9.24 17.45
CA ASN A 265 -14.95 8.37 16.69
C ASN A 265 -14.32 7.30 17.58
N TRP A 266 -13.84 7.70 18.75
CA TRP A 266 -13.26 6.72 19.69
C TRP A 266 -14.34 5.70 20.13
N ALA A 267 -15.55 6.18 20.37
CA ALA A 267 -16.64 5.32 20.84
C ALA A 267 -17.07 4.30 19.78
N SER A 268 -16.84 4.59 18.51
CA SER A 268 -17.34 3.74 17.44
C SER A 268 -16.58 2.42 17.30
N GLN A 269 -15.51 2.27 18.07
CA GLN A 269 -14.74 1.03 18.12
C GLN A 269 -15.57 -0.12 18.66
N ILE A 270 -16.57 0.19 19.49
CA ILE A 270 -17.33 -0.86 20.16
C ILE A 270 -18.84 -0.60 20.25
N TYR A 271 -19.24 0.67 20.16
CA TYR A 271 -20.65 1.05 20.06
C TYR A 271 -21.11 1.06 18.60
N PRO A 272 -21.98 0.10 18.20
CA PRO A 272 -22.38 -0.02 16.80
C PRO A 272 -23.23 1.16 16.38
N GLY A 273 -22.99 1.68 15.17
CA GLY A 273 -23.92 2.62 14.60
C GLY A 273 -23.65 4.10 14.82
N ILE A 274 -22.58 4.46 15.52
CA ILE A 274 -22.24 5.87 15.69
C ILE A 274 -22.13 6.57 14.33
N LYS A 275 -22.63 7.79 14.23
CA LYS A 275 -22.52 8.56 13.01
C LYS A 275 -21.96 9.96 13.25
N VAL A 276 -21.17 10.46 12.31
CA VAL A 276 -20.52 11.77 12.46
C VAL A 276 -20.56 12.61 11.19
N ARG A 277 -21.26 12.14 10.16
CA ARG A 277 -21.31 12.88 8.90
C ARG A 277 -21.83 14.30 9.11
N GLN A 278 -23.03 14.41 9.69
CA GLN A 278 -23.67 15.71 9.84
C GLN A 278 -22.94 16.62 10.83
N LEU A 279 -22.16 16.05 11.74
CA LEU A 279 -21.35 16.87 12.63
C LEU A 279 -20.08 17.35 11.94
N CYS A 280 -19.46 16.51 11.13
CA CYS A 280 -18.27 16.88 10.37
C CYS A 280 -18.56 17.91 9.29
N LYS A 281 -19.77 17.86 8.70
CA LYS A 281 -20.18 18.85 7.70
C LYS A 281 -20.03 20.27 8.25
N LEU A 282 -20.41 20.46 9.51
CA LEU A 282 -20.26 21.74 10.20
C LEU A 282 -18.80 22.24 10.17
N LEU A 283 -17.87 21.32 10.38
CA LEU A 283 -16.46 21.65 10.44
C LEU A 283 -15.92 22.17 9.10
N ARG A 284 -16.69 21.98 8.04
CA ARG A 284 -16.30 22.51 6.73
C ARG A 284 -16.24 24.04 6.79
N GLY A 285 -15.31 24.62 6.03
CA GLY A 285 -15.18 26.06 6.03
C GLY A 285 -13.99 26.53 6.86
N THR A 286 -13.76 27.84 6.86
CA THR A 286 -12.61 28.42 7.54
C THR A 286 -13.05 29.28 8.72
N LYS A 287 -12.79 28.80 9.93
CA LYS A 287 -13.22 29.51 11.14
C LYS A 287 -12.22 29.37 12.27
N ALA A 288 -12.39 30.20 13.29
CA ALA A 288 -11.58 30.11 14.51
C ALA A 288 -12.18 29.05 15.43
N LEU A 289 -11.32 28.42 16.23
CA LEU A 289 -11.76 27.38 17.15
C LEU A 289 -12.77 27.91 18.16
N THR A 290 -12.72 29.22 18.39
CA THR A 290 -13.57 29.90 19.37
C THR A 290 -14.99 30.14 18.84
N GLU A 291 -15.17 30.00 17.53
CA GLU A 291 -16.42 30.42 16.89
C GLU A 291 -17.58 29.43 17.05
N VAL A 292 -18.75 29.95 17.39
CA VAL A 292 -19.93 29.13 17.55
C VAL A 292 -20.57 28.71 16.22
N ILE A 293 -20.84 27.41 16.09
CA ILE A 293 -21.49 26.89 14.90
C ILE A 293 -22.89 26.41 15.27
N PRO A 294 -23.92 27.04 14.70
CA PRO A 294 -25.31 26.63 14.89
C PRO A 294 -25.52 25.21 14.36
N LEU A 295 -26.08 24.32 15.19
CA LEU A 295 -26.32 22.96 14.73
C LEU A 295 -27.44 22.93 13.70
N THR A 296 -27.14 22.44 12.49
CA THR A 296 -28.19 22.20 11.50
C THR A 296 -29.17 21.18 12.07
N GLU A 297 -30.34 21.05 11.43
CA GLU A 297 -31.35 20.09 11.89
C GLU A 297 -30.87 18.65 11.73
N GLU A 298 -30.17 18.38 10.63
CA GLU A 298 -29.61 17.05 10.41
C GLU A 298 -28.50 16.71 11.42
N ALA A 299 -27.65 17.70 11.71
CA ALA A 299 -26.61 17.52 12.73
C ALA A 299 -27.26 17.21 14.09
N GLU A 300 -28.35 17.91 14.37
CA GLU A 300 -29.06 17.79 15.64
C GLU A 300 -29.74 16.43 15.75
N LEU A 301 -30.29 15.95 14.64
CA LEU A 301 -30.88 14.61 14.58
C LEU A 301 -29.78 13.57 14.81
N GLU A 302 -28.63 13.78 14.17
CA GLU A 302 -27.50 12.87 14.30
C GLU A 302 -26.94 12.82 15.73
N LEU A 303 -26.77 13.98 16.37
CA LEU A 303 -26.31 14.00 17.77
C LEU A 303 -27.26 13.21 18.66
N ALA A 304 -28.57 13.30 18.39
CA ALA A 304 -29.56 12.64 19.22
C ALA A 304 -29.45 11.13 19.07
N GLU A 305 -29.40 10.66 17.83
CA GLU A 305 -29.26 9.24 17.55
C GLU A 305 -28.00 8.68 18.20
N ASN A 306 -26.90 9.44 18.14
CA ASN A 306 -25.67 9.07 18.84
C ASN A 306 -25.88 9.02 20.33
N ARG A 307 -26.67 9.96 20.83
CA ARG A 307 -26.91 10.12 22.26
C ARG A 307 -27.58 8.86 22.81
N GLU A 308 -28.56 8.37 22.07
CA GLU A 308 -29.34 7.18 22.44
C GLU A 308 -28.49 5.91 22.44
N ILE A 309 -27.53 5.86 21.52
CA ILE A 309 -26.67 4.70 21.39
C ILE A 309 -25.73 4.59 22.60
N LEU A 310 -25.27 5.74 23.08
CA LEU A 310 -24.30 5.79 24.17
C LEU A 310 -24.97 5.60 25.54
N LYS A 311 -26.29 5.69 25.59
CA LYS A 311 -27.01 5.76 26.86
C LYS A 311 -26.77 4.54 27.75
N GLU A 312 -26.85 3.34 27.17
CA GLU A 312 -26.52 2.12 27.90
C GLU A 312 -25.11 1.65 27.54
N PRO A 313 -24.32 1.26 28.55
CA PRO A 313 -22.98 0.77 28.27
C PRO A 313 -22.93 -0.49 27.42
N VAL A 314 -21.93 -0.54 26.53
CA VAL A 314 -21.68 -1.69 25.67
C VAL A 314 -20.25 -2.15 25.89
N HIS A 315 -19.97 -3.42 25.64
CA HIS A 315 -18.63 -3.96 25.78
C HIS A 315 -18.25 -4.95 24.67
N GLY A 316 -16.95 -5.16 24.49
CA GLY A 316 -16.50 -6.16 23.54
C GLY A 316 -15.92 -7.37 24.24
N VAL A 317 -15.72 -8.47 23.52
CA VAL A 317 -15.06 -9.65 24.08
C VAL A 317 -13.68 -9.84 23.48
N TYR A 318 -12.93 -10.83 24.00
CA TYR A 318 -11.60 -11.14 23.54
C TYR A 318 -11.57 -12.19 22.44
N TYR A 319 -10.39 -12.41 21.88
CA TYR A 319 -10.24 -13.23 20.69
C TYR A 319 -9.95 -14.69 21.00
N ASP A 320 -10.73 -15.58 20.40
CA ASP A 320 -10.49 -17.01 20.51
C ASP A 320 -9.91 -17.52 19.19
N PRO A 321 -8.64 -17.90 19.19
CA PRO A 321 -7.88 -18.26 18.00
C PRO A 321 -8.42 -19.50 17.29
N SER A 322 -9.28 -20.25 17.96
CA SER A 322 -9.81 -21.49 17.39
C SER A 322 -11.17 -21.31 16.71
N LYS A 323 -11.66 -20.07 16.64
CA LYS A 323 -12.90 -19.78 15.90
C LYS A 323 -12.65 -18.81 14.75
N ASP A 324 -13.44 -18.94 13.69
CA ASP A 324 -13.39 -17.97 12.60
C ASP A 324 -13.83 -16.60 13.10
N LEU A 325 -13.47 -15.57 12.35
CA LEU A 325 -13.96 -14.22 12.60
C LEU A 325 -15.03 -13.91 11.55
N ILE A 326 -16.19 -13.43 11.98
CA ILE A 326 -17.21 -12.99 11.03
C ILE A 326 -17.33 -11.48 11.02
N ALA A 327 -17.39 -10.89 9.83
CA ALA A 327 -17.55 -9.45 9.71
C ALA A 327 -18.84 -9.14 8.95
N GLU A 328 -19.66 -8.25 9.51
CA GLU A 328 -20.93 -7.85 8.90
C GLU A 328 -20.87 -6.36 8.63
N ILE A 329 -21.46 -5.93 7.53
CA ILE A 329 -21.45 -4.53 7.14
C ILE A 329 -22.88 -4.09 6.83
N GLN A 330 -23.23 -2.87 7.21
CA GLN A 330 -24.53 -2.30 6.86
C GLN A 330 -24.37 -0.89 6.27
N LYS A 331 -25.19 -0.60 5.25
CA LYS A 331 -25.27 0.75 4.70
C LYS A 331 -26.05 1.56 5.72
N GLN A 332 -25.53 2.74 6.05
CA GLN A 332 -26.16 3.55 7.08
C GLN A 332 -26.73 4.80 6.44
N GLY A 333 -26.49 4.92 5.15
CA GLY A 333 -26.97 6.07 4.43
C GLY A 333 -25.88 6.67 3.57
N GLN A 334 -25.94 7.98 3.44
CA GLN A 334 -25.25 8.68 2.37
C GLN A 334 -23.73 8.58 2.48
N GLY A 335 -23.19 7.48 1.98
CA GLY A 335 -21.75 7.29 1.97
C GLY A 335 -21.21 6.70 3.27
N GLN A 336 -22.12 6.35 4.18
CA GLN A 336 -21.74 5.89 5.51
C GLN A 336 -21.97 4.39 5.69
N TRP A 337 -20.95 3.71 6.21
CA TRP A 337 -21.04 2.28 6.41
C TRP A 337 -20.62 1.94 7.82
N THR A 338 -21.29 0.95 8.41
CA THR A 338 -20.93 0.52 9.74
C THR A 338 -20.66 -0.98 9.69
N TYR A 339 -19.78 -1.46 10.57
CA TYR A 339 -19.49 -2.90 10.62
C TYR A 339 -19.25 -3.38 12.04
N GLN A 340 -19.42 -4.68 12.24
CA GLN A 340 -19.23 -5.33 13.51
C GLN A 340 -18.47 -6.61 13.23
N ILE A 341 -17.54 -6.96 14.12
CA ILE A 341 -16.80 -8.19 13.99
C ILE A 341 -16.95 -9.04 15.25
N TYR A 342 -17.47 -10.25 15.09
CA TYR A 342 -17.73 -11.16 16.20
C TYR A 342 -17.30 -12.55 15.79
N GLN A 343 -17.21 -13.46 16.75
CA GLN A 343 -16.91 -14.85 16.46
C GLN A 343 -18.13 -15.68 16.83
N GLU A 344 -18.85 -15.23 17.85
CA GLU A 344 -20.10 -15.84 18.27
C GLU A 344 -21.15 -14.75 18.17
N PRO A 345 -22.21 -14.97 17.39
CA PRO A 345 -23.25 -13.94 17.23
C PRO A 345 -24.01 -13.74 18.53
N PHE A 346 -24.19 -12.50 18.97
CA PHE A 346 -23.59 -11.33 18.33
C PHE A 346 -22.71 -10.61 19.37
N LYS A 347 -21.75 -11.33 19.92
CA LYS A 347 -20.83 -10.79 20.90
C LYS A 347 -19.61 -10.23 20.19
N ASN A 348 -19.62 -8.93 19.95
CA ASN A 348 -18.63 -8.31 19.06
C ASN A 348 -17.24 -8.29 19.67
N LEU A 349 -16.24 -8.68 18.90
CA LEU A 349 -14.86 -8.38 19.27
C LEU A 349 -14.70 -6.85 19.19
N LYS A 350 -15.20 -6.27 18.11
CA LYS A 350 -15.21 -4.82 17.94
C LYS A 350 -16.12 -4.39 16.80
N THR A 351 -16.31 -3.07 16.69
CA THR A 351 -17.10 -2.50 15.63
C THR A 351 -16.28 -1.41 14.96
N GLY A 352 -16.87 -0.81 13.94
CA GLY A 352 -16.20 0.27 13.25
C GLY A 352 -17.09 0.96 12.23
N LYS A 353 -16.47 1.88 11.49
CA LYS A 353 -17.19 2.85 10.69
C LYS A 353 -16.37 3.01 9.41
N TYR A 354 -17.05 3.24 8.29
CA TYR A 354 -16.38 3.61 7.06
C TYR A 354 -17.19 4.64 6.28
N ALA A 355 -16.52 5.71 5.85
CA ALA A 355 -17.21 6.81 5.19
C ALA A 355 -16.51 7.20 3.88
N ARG A 356 -15.19 7.32 3.94
CA ARG A 356 -14.39 7.86 2.83
C ARG A 356 -15.04 7.70 1.46
N MET A 357 -14.96 8.75 0.65
CA MET A 357 -15.31 8.64 -0.76
C MET A 357 -14.02 8.49 -1.58
N ARG A 358 -14.12 7.76 -2.69
CA ARG A 358 -12.97 7.56 -3.57
C ARG A 358 -13.25 8.20 -4.93
N GLY A 359 -13.11 9.53 -4.98
CA GLY A 359 -13.42 10.27 -6.20
C GLY A 359 -14.69 11.11 -6.07
N ALA A 360 -15.05 11.77 -7.16
CA ALA A 360 -16.27 12.58 -7.18
C ALA A 360 -17.50 11.72 -7.41
N HIS A 361 -17.32 10.62 -8.14
CA HIS A 361 -18.45 9.77 -8.49
C HIS A 361 -18.19 8.30 -8.14
N THR A 362 -19.13 7.70 -7.43
CA THR A 362 -19.07 6.27 -7.14
C THR A 362 -20.47 5.69 -7.09
N ASN A 363 -20.54 4.38 -6.87
CA ASN A 363 -21.80 3.73 -6.59
C ASN A 363 -21.66 2.91 -5.32
N ASP A 364 -22.76 2.32 -4.87
CA ASP A 364 -22.73 1.59 -3.61
C ASP A 364 -21.90 0.32 -3.72
N VAL A 365 -21.82 -0.29 -4.90
CA VAL A 365 -21.06 -1.53 -4.99
C VAL A 365 -19.57 -1.25 -4.77
N LYS A 366 -19.06 -0.17 -5.33
CA LYS A 366 -17.66 0.18 -5.17
C LYS A 366 -17.35 0.48 -3.71
N GLN A 367 -18.20 1.29 -3.08
CA GLN A 367 -18.00 1.68 -1.69
C GLN A 367 -18.00 0.49 -0.75
N LEU A 368 -18.91 -0.46 -0.98
CA LEU A 368 -18.99 -1.64 -0.14
C LEU A 368 -17.68 -2.40 -0.27
N THR A 369 -17.18 -2.49 -1.50
CA THR A 369 -15.91 -3.16 -1.77
C THR A 369 -14.72 -2.50 -1.06
N GLU A 370 -14.72 -1.18 -1.00
CA GLU A 370 -13.68 -0.45 -0.29
C GLU A 370 -13.76 -0.72 1.21
N ALA A 371 -14.97 -0.83 1.72
CA ALA A 371 -15.12 -1.13 3.14
C ALA A 371 -14.69 -2.56 3.44
N VAL A 372 -14.96 -3.48 2.53
CA VAL A 372 -14.45 -4.84 2.69
C VAL A 372 -12.92 -4.86 2.72
N GLN A 373 -12.29 -4.10 1.83
CA GLN A 373 -10.83 -4.08 1.79
C GLN A 373 -10.25 -3.46 3.07
N LYS A 374 -10.88 -2.42 3.58
CA LYS A 374 -10.41 -1.73 4.76
C LYS A 374 -10.52 -2.66 5.99
N ILE A 375 -11.63 -3.40 6.06
CA ILE A 375 -11.86 -4.32 7.17
C ILE A 375 -10.90 -5.51 7.08
N THR A 376 -10.61 -5.94 5.86
CA THR A 376 -9.70 -7.06 5.70
C THR A 376 -8.32 -6.69 6.26
N THR A 377 -7.88 -5.47 5.98
CA THR A 377 -6.55 -5.05 6.41
C THR A 377 -6.46 -4.95 7.93
N GLU A 378 -7.46 -4.31 8.53
CA GLU A 378 -7.50 -4.14 9.97
C GLU A 378 -7.54 -5.52 10.64
N SER A 379 -8.26 -6.43 10.03
CA SER A 379 -8.39 -7.76 10.59
C SER A 379 -7.05 -8.54 10.55
N ILE A 380 -6.32 -8.42 9.45
CA ILE A 380 -4.98 -9.00 9.40
C ILE A 380 -4.05 -8.36 10.45
N VAL A 381 -4.17 -7.06 10.66
CA VAL A 381 -3.40 -6.36 11.70
C VAL A 381 -3.73 -6.86 13.10
N ILE A 382 -5.02 -6.89 13.44
CA ILE A 382 -5.40 -7.25 14.79
C ILE A 382 -5.37 -8.76 15.08
N TRP A 383 -5.77 -9.60 14.12
CA TRP A 383 -5.89 -11.02 14.41
C TRP A 383 -4.96 -11.95 13.59
N GLY A 384 -4.30 -11.41 12.57
CA GLY A 384 -3.47 -12.26 11.75
C GLY A 384 -4.25 -13.15 10.77
N LYS A 385 -5.49 -12.80 10.48
CA LYS A 385 -6.22 -13.49 9.42
C LYS A 385 -7.44 -12.71 8.95
N THR A 386 -7.97 -13.11 7.80
CA THR A 386 -9.11 -12.39 7.24
C THR A 386 -10.43 -12.95 7.76
N PRO A 387 -11.43 -12.09 7.94
CA PRO A 387 -12.74 -12.51 8.42
C PRO A 387 -13.56 -13.11 7.28
N LYS A 388 -14.55 -13.92 7.64
CA LYS A 388 -15.60 -14.27 6.69
C LYS A 388 -16.65 -13.17 6.68
N PHE A 389 -17.01 -12.69 5.49
CA PHE A 389 -17.92 -11.55 5.37
C PHE A 389 -19.39 -11.91 5.17
N LYS A 390 -20.26 -11.09 5.76
CA LYS A 390 -21.70 -11.15 5.50
C LYS A 390 -22.14 -9.79 5.00
N LEU A 391 -22.51 -9.73 3.72
CA LEU A 391 -22.69 -8.46 3.02
C LEU A 391 -24.14 -8.28 2.57
N PRO A 392 -24.64 -7.06 2.63
CA PRO A 392 -26.01 -6.77 2.21
C PRO A 392 -26.13 -6.57 0.69
N ILE A 393 -25.59 -7.52 -0.08
CA ILE A 393 -25.68 -7.46 -1.53
C ILE A 393 -25.85 -8.86 -2.10
N GLN A 394 -26.78 -9.02 -3.03
CA GLN A 394 -27.04 -10.32 -3.65
C GLN A 394 -25.78 -10.76 -4.40
N LYS A 395 -25.51 -12.06 -4.39
CA LYS A 395 -24.39 -12.59 -5.14
C LYS A 395 -24.48 -12.20 -6.61
N GLU A 396 -25.69 -12.26 -7.16
CA GLU A 396 -25.91 -11.99 -8.59
C GLU A 396 -25.60 -10.55 -8.93
N THR A 397 -26.04 -9.63 -8.07
CA THR A 397 -25.73 -8.22 -8.21
C THR A 397 -24.21 -7.96 -8.25
N TRP A 398 -23.48 -8.57 -7.31
CA TRP A 398 -22.03 -8.40 -7.25
C TRP A 398 -21.36 -8.98 -8.50
N GLU A 399 -21.79 -10.15 -8.95
CA GLU A 399 -21.15 -10.77 -10.10
C GLU A 399 -21.47 -10.04 -11.41
N THR A 400 -22.65 -9.44 -11.50
CA THR A 400 -22.98 -8.60 -12.65
C THR A 400 -22.07 -7.38 -12.67
N TRP A 401 -21.76 -6.84 -11.49
CA TRP A 401 -20.84 -5.71 -11.41
C TRP A 401 -19.40 -6.11 -11.72
N TRP A 402 -18.92 -7.17 -11.08
CA TRP A 402 -17.53 -7.58 -11.23
C TRP A 402 -17.18 -7.88 -12.68
N THR A 403 -18.06 -8.60 -13.36
CA THR A 403 -17.77 -9.06 -14.71
C THR A 403 -17.63 -7.92 -15.71
N GLU A 404 -18.47 -6.90 -15.58
CA GLU A 404 -18.57 -5.88 -16.61
C GLU A 404 -17.74 -4.62 -16.33
N TYR A 405 -17.29 -4.45 -15.09
CA TYR A 405 -16.50 -3.29 -14.70
C TYR A 405 -15.06 -3.49 -15.17
N TRP A 406 -14.37 -2.41 -15.53
CA TRP A 406 -13.06 -2.53 -16.14
C TRP A 406 -11.87 -2.71 -15.19
N GLN A 407 -12.07 -2.47 -13.90
CA GLN A 407 -11.01 -2.67 -12.92
C GLN A 407 -11.04 -4.09 -12.36
N ALA A 408 -9.88 -4.63 -12.05
CA ALA A 408 -9.82 -5.88 -11.32
C ALA A 408 -10.35 -5.64 -9.91
N THR A 409 -11.13 -6.57 -9.39
CA THR A 409 -11.66 -6.40 -8.06
C THR A 409 -12.02 -7.75 -7.50
N TRP A 410 -12.01 -7.87 -6.18
CA TRP A 410 -12.15 -9.17 -5.56
C TRP A 410 -12.27 -9.07 -4.05
N ILE A 411 -13.22 -9.81 -3.51
CA ILE A 411 -13.36 -9.89 -2.06
C ILE A 411 -13.34 -11.34 -1.61
N PRO A 412 -12.71 -11.60 -0.45
CA PRO A 412 -12.61 -12.95 0.11
C PRO A 412 -13.97 -13.55 0.38
N GLU A 413 -13.97 -14.79 0.86
CA GLU A 413 -15.19 -15.52 1.22
C GLU A 413 -16.27 -14.63 1.85
N TRP A 414 -17.43 -14.54 1.18
CA TRP A 414 -18.57 -13.82 1.74
C TRP A 414 -19.90 -14.48 1.47
N GLU A 415 -20.91 -14.06 2.23
CA GLU A 415 -22.26 -14.53 2.04
C GLU A 415 -23.19 -13.33 2.07
N PHE A 416 -24.32 -13.47 1.39
CA PHE A 416 -25.38 -12.48 1.45
C PHE A 416 -26.12 -12.57 2.79
N VAL A 417 -26.53 -11.43 3.30
CA VAL A 417 -27.39 -11.41 4.47
C VAL A 417 -28.40 -10.30 4.26
N ASN A 418 -29.66 -10.61 4.50
CA ASN A 418 -30.73 -9.70 4.12
C ASN A 418 -30.95 -8.63 5.19
N THR A 419 -30.10 -7.61 5.16
CA THR A 419 -30.15 -6.54 6.15
C THR A 419 -30.26 -5.19 5.45
N PRO A 420 -31.47 -4.82 5.02
CA PRO A 420 -31.62 -3.60 4.20
C PRO A 420 -31.13 -2.34 4.90
N PRO A 421 -30.84 -1.27 4.14
CA PRO A 421 -30.99 -1.25 2.68
C PRO A 421 -29.97 -2.12 1.96
N LEU A 422 -30.41 -2.88 0.97
CA LEU A 422 -29.49 -3.71 0.20
C LEU A 422 -28.77 -2.87 -0.82
N VAL A 423 -27.58 -3.30 -1.22
CA VAL A 423 -26.83 -2.59 -2.24
C VAL A 423 -27.10 -3.20 -3.60
N LYS A 424 -27.46 -2.34 -4.55
CA LYS A 424 -27.81 -2.77 -5.89
C LYS A 424 -27.32 -1.75 -6.91
N LEU A 425 -27.40 -2.12 -8.18
CA LEU A 425 -27.14 -1.18 -9.27
C LEU A 425 -28.49 -0.60 -9.72
N TRP A 426 -28.55 0.72 -9.82
CA TRP A 426 -29.84 1.39 -10.05
C TRP A 426 -30.21 1.56 -11.52
N TYR A 427 -29.24 1.33 -12.41
CA TYR A 427 -29.52 1.24 -13.83
C TYR A 427 -28.37 0.46 -14.44
N GLN A 428 -28.59 -0.08 -15.63
CA GLN A 428 -27.52 -0.63 -16.45
C GLN A 428 -27.64 -0.05 -17.85
N LEU A 429 -26.51 0.36 -18.44
CA LEU A 429 -26.51 0.82 -19.81
C LEU A 429 -26.63 -0.37 -20.77
N GLU A 430 -27.23 -0.13 -21.93
CA GLU A 430 -27.30 -1.14 -22.98
C GLU A 430 -25.92 -1.49 -23.49
N LYS A 431 -25.76 -2.72 -23.96
CA LYS A 431 -24.49 -3.14 -24.52
C LYS A 431 -24.50 -3.03 -26.04
N GLU A 432 -25.69 -2.81 -26.61
CA GLU A 432 -25.88 -2.63 -28.05
C GLU A 432 -26.78 -1.44 -28.34
N PRO A 433 -26.65 -0.83 -29.54
CA PRO A 433 -27.54 0.27 -29.96
C PRO A 433 -28.98 -0.20 -29.98
N ILE A 434 -29.89 0.70 -29.67
CA ILE A 434 -31.30 0.36 -29.58
C ILE A 434 -32.02 0.68 -30.89
N VAL A 435 -32.53 -0.34 -31.56
CA VAL A 435 -33.33 -0.10 -32.76
C VAL A 435 -34.62 0.64 -32.41
N GLY A 436 -34.95 1.64 -33.21
CA GLY A 436 -36.20 2.36 -33.02
C GLY A 436 -36.16 3.32 -31.86
N ALA A 437 -34.96 3.56 -31.34
CA ALA A 437 -34.75 4.57 -30.32
C ALA A 437 -34.02 5.74 -30.96
N GLU A 438 -34.51 6.95 -30.70
CA GLU A 438 -33.97 8.14 -31.35
C GLU A 438 -32.49 8.31 -31.01
N THR A 439 -31.65 8.59 -32.01
CA THR A 439 -30.23 8.84 -31.79
C THR A 439 -29.92 10.34 -31.62
N PHE A 440 -29.48 10.72 -30.41
CA PHE A 440 -29.02 12.08 -30.10
C PHE A 440 -27.49 12.22 -30.26
N TYR A 441 -27.06 13.06 -31.20
CA TYR A 441 -25.66 13.43 -31.30
C TYR A 441 -25.41 14.69 -30.49
N VAL A 442 -24.76 14.54 -29.35
CA VAL A 442 -24.63 15.64 -28.43
C VAL A 442 -23.22 16.21 -28.49
N ASP A 443 -23.09 17.48 -28.10
CA ASP A 443 -21.79 18.08 -27.91
C ASP A 443 -21.85 19.30 -27.03
N GLY A 444 -20.71 19.65 -26.45
CA GLY A 444 -20.60 20.87 -25.66
C GLY A 444 -19.31 21.58 -26.02
N ALA A 445 -19.28 22.89 -25.77
CA ALA A 445 -18.08 23.67 -26.03
C ALA A 445 -18.09 24.95 -25.19
N ALA A 446 -16.96 25.25 -24.59
CA ALA A 446 -16.81 26.46 -23.79
C ALA A 446 -15.64 27.28 -24.29
N ASN A 447 -15.80 28.60 -24.34
CA ASN A 447 -14.73 29.50 -24.72
C ASN A 447 -13.81 29.78 -23.53
N ARG A 448 -12.52 29.53 -23.72
CA ARG A 448 -11.55 29.49 -22.63
C ARG A 448 -11.42 30.82 -21.89
N GLU A 449 -11.51 31.92 -22.62
CA GLU A 449 -11.39 33.25 -22.00
C GLU A 449 -12.73 33.76 -21.50
N THR A 450 -13.79 33.44 -22.24
CA THR A 450 -15.13 33.92 -21.92
C THR A 450 -15.75 33.16 -20.75
N LYS A 451 -15.60 31.84 -20.76
CA LYS A 451 -16.28 30.97 -19.82
C LYS A 451 -17.74 30.80 -20.22
N LEU A 452 -18.09 31.32 -21.39
CA LEU A 452 -19.42 31.08 -21.95
C LEU A 452 -19.44 29.66 -22.48
N GLY A 453 -20.63 29.05 -22.49
CA GLY A 453 -20.74 27.69 -22.98
C GLY A 453 -22.02 27.42 -23.76
N LYS A 454 -21.91 26.55 -24.76
CA LYS A 454 -23.07 26.07 -25.49
C LYS A 454 -23.12 24.55 -25.45
N ALA A 455 -24.24 24.01 -24.97
CA ALA A 455 -24.48 22.57 -24.99
C ALA A 455 -25.67 22.30 -25.90
N GLY A 456 -25.60 21.22 -26.67
CA GLY A 456 -26.68 20.93 -27.60
C GLY A 456 -26.80 19.49 -28.09
N TYR A 457 -27.68 19.27 -29.05
CA TYR A 457 -27.81 17.98 -29.72
C TYR A 457 -28.50 18.13 -31.06
N VAL A 458 -28.16 17.25 -31.98
CA VAL A 458 -28.92 17.02 -33.21
C VAL A 458 -29.35 15.54 -33.19
N THR A 459 -30.53 15.23 -33.71
CA THR A 459 -30.98 13.83 -33.74
C THR A 459 -31.25 13.35 -35.16
N ASN A 460 -31.36 12.04 -35.35
CA ASN A 460 -31.59 11.47 -36.68
C ASN A 460 -33.03 11.68 -37.12
N ARG A 461 -33.86 12.18 -36.20
CA ARG A 461 -35.25 12.51 -36.51
C ARG A 461 -35.40 14.02 -36.76
N GLY A 462 -34.28 14.71 -36.82
CA GLY A 462 -34.29 16.10 -37.24
C GLY A 462 -34.48 17.08 -36.11
N ARG A 463 -34.55 16.59 -34.88
CA ARG A 463 -34.60 17.51 -33.76
C ARG A 463 -33.25 18.14 -33.50
N GLN A 464 -33.27 19.39 -33.03
CA GLN A 464 -32.06 20.16 -32.77
C GLN A 464 -32.36 21.01 -31.54
N LYS A 465 -31.33 21.55 -30.92
CA LYS A 465 -31.51 22.37 -29.73
C LYS A 465 -30.17 22.71 -29.13
N VAL A 466 -30.05 23.93 -28.65
CA VAL A 466 -28.83 24.39 -28.00
C VAL A 466 -29.21 25.39 -26.93
N VAL A 467 -28.58 25.25 -25.76
CA VAL A 467 -28.78 26.20 -24.68
C VAL A 467 -27.46 26.87 -24.36
N THR A 468 -27.53 28.03 -23.73
CA THR A 468 -26.33 28.77 -23.36
C THR A 468 -26.05 28.62 -21.88
N LEU A 469 -24.80 28.37 -21.55
CA LEU A 469 -24.39 28.21 -20.16
C LEU A 469 -23.37 29.29 -19.84
N THR A 470 -23.39 29.77 -18.60
CA THR A 470 -22.50 30.84 -18.19
C THR A 470 -21.46 30.34 -17.20
N ASP A 471 -20.22 30.76 -17.39
CA ASP A 471 -19.10 30.31 -16.56
C ASP A 471 -19.09 28.78 -16.44
N THR A 472 -18.76 28.13 -17.55
CA THR A 472 -18.77 26.68 -17.63
C THR A 472 -17.50 26.18 -18.31
N THR A 473 -16.93 25.10 -17.78
CA THR A 473 -15.73 24.50 -18.35
C THR A 473 -16.08 23.67 -19.57
N ASN A 474 -15.08 23.41 -20.40
CA ASN A 474 -15.30 22.64 -21.62
C ASN A 474 -15.81 21.24 -21.33
N GLN A 475 -15.64 20.77 -20.09
CA GLN A 475 -16.14 19.44 -19.75
C GLN A 475 -17.48 19.44 -19.03
N LYS A 476 -17.81 20.55 -18.39
CA LYS A 476 -19.17 20.75 -17.88
C LYS A 476 -20.19 20.81 -19.01
N THR A 477 -19.80 21.38 -20.15
CA THR A 477 -20.74 21.50 -21.25
C THR A 477 -21.02 20.12 -21.86
N GLU A 478 -20.02 19.24 -21.81
CA GLU A 478 -20.17 17.88 -22.32
C GLU A 478 -21.19 17.10 -21.51
N LEU A 479 -21.16 17.29 -20.19
CA LEU A 479 -22.18 16.69 -19.32
C LEU A 479 -23.58 17.32 -19.57
N GLN A 480 -23.63 18.63 -19.71
CA GLN A 480 -24.90 19.32 -19.97
C GLN A 480 -25.55 18.79 -21.23
N ALA A 481 -24.76 18.62 -22.28
CA ALA A 481 -25.29 18.17 -23.56
C ALA A 481 -25.89 16.77 -23.43
N ILE A 482 -25.36 15.97 -22.51
CA ILE A 482 -25.87 14.63 -22.29
C ILE A 482 -27.13 14.65 -21.43
N TYR A 483 -27.12 15.47 -20.38
CA TYR A 483 -28.32 15.75 -19.60
C TYR A 483 -29.46 16.24 -20.51
N LEU A 484 -29.12 17.14 -21.42
CA LEU A 484 -30.11 17.72 -22.30
C LEU A 484 -30.79 16.63 -23.11
N ALA A 485 -29.98 15.70 -23.61
CA ALA A 485 -30.47 14.65 -24.49
C ALA A 485 -31.30 13.65 -23.68
N LEU A 486 -30.94 13.45 -22.43
CA LEU A 486 -31.70 12.57 -21.57
C LEU A 486 -33.08 13.16 -21.28
N GLN A 487 -33.16 14.45 -20.98
CA GLN A 487 -34.46 14.99 -20.60
C GLN A 487 -35.41 15.35 -21.74
N ASP A 488 -34.95 15.27 -22.98
CA ASP A 488 -35.82 15.54 -24.13
C ASP A 488 -36.18 14.27 -24.89
N SER A 489 -35.59 13.15 -24.50
CA SER A 489 -35.74 11.91 -25.25
C SER A 489 -36.82 11.04 -24.62
N GLY A 490 -37.13 9.93 -25.29
CA GLY A 490 -38.05 8.96 -24.75
C GLY A 490 -37.44 8.04 -23.70
N LEU A 491 -38.21 7.03 -23.29
CA LEU A 491 -37.73 6.01 -22.37
C LEU A 491 -36.58 5.20 -22.97
N GLU A 492 -36.47 5.18 -24.29
CA GLU A 492 -35.33 4.55 -24.94
C GLU A 492 -34.58 5.56 -25.81
N VAL A 493 -33.25 5.62 -25.67
CA VAL A 493 -32.46 6.61 -26.39
C VAL A 493 -31.02 6.15 -26.63
N ASN A 494 -30.51 6.40 -27.83
CA ASN A 494 -29.08 6.25 -28.06
C ASN A 494 -28.47 7.65 -28.02
N ILE A 495 -27.30 7.75 -27.39
CA ILE A 495 -26.61 9.02 -27.25
C ILE A 495 -25.16 8.88 -27.73
N VAL A 496 -24.76 9.78 -28.64
CA VAL A 496 -23.42 9.76 -29.20
C VAL A 496 -22.64 11.02 -28.79
N THR A 497 -21.57 10.82 -28.04
CA THR A 497 -20.78 11.92 -27.51
C THR A 497 -19.35 11.79 -28.02
N ASP A 498 -18.58 12.87 -27.99
CA ASP A 498 -17.16 12.76 -28.31
C ASP A 498 -16.33 13.00 -27.06
N SER A 499 -16.97 12.96 -25.90
CA SER A 499 -16.30 13.20 -24.63
C SER A 499 -15.97 11.90 -23.89
N GLN A 500 -14.71 11.47 -23.99
CA GLN A 500 -14.21 10.38 -23.14
C GLN A 500 -14.53 10.67 -21.66
N TYR A 501 -14.32 11.92 -21.25
CA TYR A 501 -14.61 12.34 -19.91
C TYR A 501 -16.04 11.96 -19.49
N ALA A 502 -17.02 12.44 -20.25
CA ALA A 502 -18.41 12.17 -19.93
C ALA A 502 -18.68 10.68 -19.97
N LEU A 503 -18.12 10.01 -20.97
CA LEU A 503 -18.30 8.58 -21.16
C LEU A 503 -17.72 7.80 -19.98
N GLY A 504 -16.53 8.18 -19.55
CA GLY A 504 -15.91 7.48 -18.43
C GLY A 504 -16.78 7.50 -17.19
N ILE A 505 -17.35 8.66 -16.89
CA ILE A 505 -18.14 8.82 -15.68
C ILE A 505 -19.43 8.01 -15.74
N ILE A 506 -20.14 8.12 -16.86
CA ILE A 506 -21.43 7.43 -16.99
C ILE A 506 -21.21 5.92 -17.05
N GLN A 507 -20.16 5.49 -17.74
CA GLN A 507 -19.94 4.06 -17.92
C GLN A 507 -19.65 3.31 -16.62
N ALA A 508 -19.29 4.05 -15.56
CA ALA A 508 -18.99 3.46 -14.26
C ALA A 508 -20.25 3.28 -13.42
N GLN A 509 -21.37 3.74 -13.94
CA GLN A 509 -22.66 3.54 -13.30
C GLN A 509 -22.80 4.23 -11.96
N PRO A 510 -22.38 5.49 -11.87
CA PRO A 510 -22.48 6.21 -10.59
C PRO A 510 -23.91 6.20 -10.07
N ASP A 511 -24.07 6.14 -8.75
CA ASP A 511 -25.38 6.35 -8.16
C ASP A 511 -25.34 7.49 -7.15
N GLN A 512 -24.19 8.13 -7.04
CA GLN A 512 -24.04 9.31 -6.21
C GLN A 512 -22.82 10.10 -6.66
N SER A 513 -22.94 11.43 -6.63
CA SER A 513 -21.88 12.29 -7.11
C SER A 513 -21.80 13.57 -6.27
N GLU A 514 -20.62 14.18 -6.27
CA GLU A 514 -20.44 15.48 -5.64
C GLU A 514 -20.95 16.58 -6.57
N SER A 515 -21.27 16.19 -7.81
CA SER A 515 -21.75 17.13 -8.82
C SER A 515 -23.27 17.15 -8.89
N GLU A 516 -23.85 18.34 -8.99
CA GLU A 516 -25.30 18.45 -9.19
C GLU A 516 -25.69 17.87 -10.54
N LEU A 517 -25.02 18.33 -11.59
CA LEU A 517 -25.22 17.81 -12.94
C LEU A 517 -25.27 16.28 -12.94
N VAL A 518 -24.15 15.66 -12.55
CA VAL A 518 -24.03 14.22 -12.59
C VAL A 518 -25.18 13.57 -11.82
N ASN A 519 -25.57 14.21 -10.72
CA ASN A 519 -26.69 13.69 -9.95
C ASN A 519 -28.03 13.86 -10.66
N GLN A 520 -28.14 14.87 -11.52
CA GLN A 520 -29.33 15.02 -12.35
C GLN A 520 -29.33 14.04 -13.52
N ILE A 521 -28.17 13.86 -14.14
CA ILE A 521 -28.02 12.81 -15.13
C ILE A 521 -28.41 11.44 -14.57
N ILE A 522 -27.99 11.19 -13.33
CA ILE A 522 -28.22 9.87 -12.73
C ILE A 522 -29.71 9.63 -12.53
N GLU A 523 -30.43 10.62 -11.99
CA GLU A 523 -31.85 10.46 -11.75
C GLU A 523 -32.59 10.27 -13.08
N GLN A 524 -32.04 10.82 -14.16
CA GLN A 524 -32.59 10.57 -15.48
C GLN A 524 -32.31 9.14 -15.96
N LEU A 525 -31.07 8.68 -15.79
CA LEU A 525 -30.68 7.36 -16.27
C LEU A 525 -31.52 6.27 -15.60
N ILE A 526 -31.93 6.54 -14.36
CA ILE A 526 -32.78 5.62 -13.62
C ILE A 526 -34.20 5.58 -14.19
N LYS A 527 -34.74 6.75 -14.52
CA LYS A 527 -36.07 6.84 -15.13
C LYS A 527 -36.19 6.03 -16.43
N LYS A 528 -35.13 6.03 -17.22
CA LYS A 528 -35.20 5.43 -18.55
C LYS A 528 -35.45 3.94 -18.54
N GLU A 529 -35.76 3.40 -19.71
CA GLU A 529 -35.96 1.96 -19.90
C GLU A 529 -34.68 1.39 -20.49
N LYS A 530 -34.08 2.16 -21.40
CA LYS A 530 -32.89 1.73 -22.14
C LYS A 530 -32.10 2.95 -22.57
N VAL A 531 -30.80 2.93 -22.29
CA VAL A 531 -29.89 3.97 -22.75
C VAL A 531 -28.63 3.32 -23.28
N TYR A 532 -28.21 3.74 -24.47
CA TYR A 532 -26.95 3.26 -25.04
C TYR A 532 -26.04 4.45 -25.33
N LEU A 533 -24.82 4.40 -24.81
CA LEU A 533 -23.86 5.48 -24.94
C LEU A 533 -22.73 5.07 -25.86
N ALA A 534 -22.53 5.81 -26.94
CA ALA A 534 -21.41 5.59 -27.84
C ALA A 534 -20.48 6.79 -27.84
N TRP A 535 -19.22 6.54 -28.20
CA TRP A 535 -18.21 7.59 -28.31
C TRP A 535 -17.65 7.65 -29.72
N VAL A 536 -17.41 8.86 -30.19
CA VAL A 536 -16.81 9.10 -31.50
C VAL A 536 -15.66 10.09 -31.36
N PRO A 537 -14.64 9.97 -32.20
CA PRO A 537 -13.57 10.98 -32.22
C PRO A 537 -14.08 12.35 -32.67
N ALA A 538 -13.73 13.39 -31.93
CA ALA A 538 -14.13 14.75 -32.30
C ALA A 538 -13.42 15.19 -33.57
N HIS A 539 -14.10 16.01 -34.37
CA HIS A 539 -13.46 16.72 -35.47
C HIS A 539 -12.96 15.81 -36.59
N LYS A 540 -13.58 14.65 -36.75
CA LYS A 540 -13.22 13.75 -37.83
C LYS A 540 -14.28 13.77 -38.92
N GLY A 541 -15.29 14.60 -38.74
CA GLY A 541 -16.34 14.73 -39.74
C GLY A 541 -17.31 13.57 -39.64
N ILE A 542 -17.39 12.97 -38.46
CA ILE A 542 -18.21 11.79 -38.27
C ILE A 542 -19.68 12.13 -38.15
N GLY A 543 -20.52 11.30 -38.77
CA GLY A 543 -21.95 11.31 -38.53
C GLY A 543 -22.53 12.66 -38.12
N GLY A 544 -23.47 12.62 -37.18
CA GLY A 544 -24.09 13.85 -36.72
C GLY A 544 -23.19 14.63 -35.77
N ASN A 545 -21.99 14.12 -35.52
CA ASN A 545 -21.05 14.79 -34.64
C ASN A 545 -20.68 16.15 -35.19
N GLU A 546 -20.52 16.23 -36.50
CA GLU A 546 -20.14 17.49 -37.14
C GLU A 546 -21.23 18.55 -36.99
N GLN A 547 -22.49 18.14 -37.10
CA GLN A 547 -23.61 19.08 -37.08
C GLN A 547 -23.76 19.79 -35.74
N VAL A 548 -23.67 19.04 -34.66
CA VAL A 548 -23.86 19.61 -33.32
C VAL A 548 -22.58 20.31 -32.87
N ASP A 549 -21.46 19.92 -33.46
CA ASP A 549 -20.18 20.58 -33.19
C ASP A 549 -20.23 22.00 -33.75
N LYS A 550 -20.92 22.15 -34.88
CA LYS A 550 -21.00 23.41 -35.59
C LYS A 550 -21.96 24.40 -34.90
N LEU A 551 -23.00 23.87 -34.27
CA LEU A 551 -24.01 24.70 -33.63
C LEU A 551 -23.53 25.26 -32.31
N VAL A 552 -22.56 24.61 -31.69
CA VAL A 552 -21.99 25.09 -30.44
C VAL A 552 -20.67 25.82 -30.65
N SER A 553 -20.72 27.15 -30.63
CA SER A 553 -19.57 28.00 -30.95
C SER A 553 -19.95 29.48 -31.02
N ILE B 5 36.41 -16.14 1.55
CA ILE B 5 36.38 -15.40 0.26
C ILE B 5 36.42 -13.89 0.50
N GLU B 6 37.05 -13.16 -0.41
CA GLU B 6 37.20 -11.71 -0.29
C GLU B 6 35.96 -10.99 -0.80
N THR B 7 35.38 -10.12 0.03
CA THR B 7 34.15 -9.42 -0.33
C THR B 7 34.42 -8.26 -1.27
N VAL B 8 33.46 -8.01 -2.16
CA VAL B 8 33.51 -6.86 -3.05
C VAL B 8 32.92 -5.64 -2.37
N PRO B 9 33.69 -4.55 -2.28
CA PRO B 9 33.18 -3.31 -1.70
C PRO B 9 31.97 -2.77 -2.47
N VAL B 10 30.88 -2.54 -1.75
CA VAL B 10 29.64 -2.08 -2.38
C VAL B 10 29.34 -0.67 -1.89
N LYS B 11 28.79 0.17 -2.76
CA LYS B 11 28.51 1.56 -2.42
C LYS B 11 27.14 2.01 -2.94
N LEU B 12 26.39 2.71 -2.09
CA LEU B 12 25.14 3.33 -2.53
C LEU B 12 25.44 4.43 -3.54
N LYS B 13 24.46 4.73 -4.39
CA LYS B 13 24.57 5.86 -5.29
C LYS B 13 24.75 7.12 -4.45
N PRO B 14 25.59 8.06 -4.91
CA PRO B 14 26.05 9.17 -4.06
C PRO B 14 24.93 10.04 -3.49
N GLY B 15 25.15 10.53 -2.27
CA GLY B 15 24.15 11.32 -1.60
C GLY B 15 23.09 10.49 -0.90
N MET B 16 22.28 9.77 -1.67
CA MET B 16 21.08 9.13 -1.15
C MET B 16 21.36 8.05 -0.09
N ASP B 17 20.43 7.92 0.85
CA ASP B 17 20.61 7.01 1.97
C ASP B 17 19.90 5.69 1.67
N GLY B 18 20.11 4.72 2.54
CA GLY B 18 19.52 3.41 2.34
C GLY B 18 18.01 3.42 2.39
N PRO B 19 17.39 2.23 2.26
CA PRO B 19 15.94 2.03 2.21
C PRO B 19 15.30 2.15 3.59
N LYS B 20 14.15 2.81 3.66
CA LYS B 20 13.39 2.86 4.91
C LYS B 20 11.92 2.58 4.61
N VAL B 21 11.65 1.38 4.13
CA VAL B 21 10.31 1.03 3.66
C VAL B 21 9.61 0.26 4.78
N LYS B 22 8.34 0.54 4.99
CA LYS B 22 7.61 -0.03 6.14
C LYS B 22 7.23 -1.47 5.83
N GLN B 23 7.18 -2.31 6.86
CA GLN B 23 6.77 -3.69 6.68
C GLN B 23 5.26 -3.79 6.53
N TRP B 24 4.79 -4.56 5.57
CA TRP B 24 3.36 -4.80 5.40
C TRP B 24 2.90 -5.80 6.45
N PRO B 25 1.66 -5.64 6.94
CA PRO B 25 1.09 -6.64 7.84
C PRO B 25 0.97 -8.00 7.16
N LEU B 26 1.25 -9.07 7.92
CA LEU B 26 1.27 -10.42 7.37
C LEU B 26 0.29 -11.29 8.16
N THR B 27 -0.27 -12.30 7.51
CA THR B 27 -1.12 -13.23 8.23
C THR B 27 -0.24 -14.03 9.18
N GLU B 28 -0.87 -14.67 10.16
CA GLU B 28 -0.17 -15.48 11.14
C GLU B 28 0.61 -16.63 10.51
N GLU B 29 0.01 -17.31 9.54
CA GLU B 29 0.68 -18.47 8.94
C GLU B 29 1.98 -18.05 8.23
N LYS B 30 1.98 -16.87 7.63
CA LYS B 30 3.17 -16.41 6.92
C LYS B 30 4.23 -15.92 7.90
N ILE B 31 3.80 -15.29 8.98
CA ILE B 31 4.72 -14.90 10.03
C ILE B 31 5.43 -16.13 10.61
N LYS B 32 4.67 -17.20 10.88
CA LYS B 32 5.27 -18.42 11.40
C LYS B 32 6.28 -19.02 10.45
N ALA B 33 5.93 -19.09 9.17
CA ALA B 33 6.84 -19.67 8.19
C ALA B 33 8.13 -18.85 8.08
N LEU B 34 8.01 -17.54 8.26
CA LEU B 34 9.16 -16.66 8.20
C LEU B 34 10.08 -16.81 9.43
N VAL B 35 9.47 -16.99 10.60
CA VAL B 35 10.23 -17.21 11.82
C VAL B 35 11.02 -18.51 11.71
N GLU B 36 10.34 -19.58 11.30
CA GLU B 36 11.02 -20.84 11.04
C GLU B 36 12.20 -20.64 10.09
N ILE B 37 11.94 -20.04 8.94
CA ILE B 37 12.97 -19.88 7.94
C ILE B 37 14.16 -19.06 8.44
N CYS B 38 13.89 -17.93 9.09
CA CYS B 38 14.94 -17.04 9.58
C CYS B 38 15.71 -17.59 10.79
N THR B 39 15.02 -18.34 11.64
CA THR B 39 15.71 -19.04 12.72
C THR B 39 16.74 -20.00 12.14
N GLU B 40 16.36 -20.65 11.05
CA GLU B 40 17.26 -21.59 10.38
C GLU B 40 18.41 -20.84 9.69
N MET B 41 18.12 -19.76 8.98
CA MET B 41 19.16 -18.99 8.29
C MET B 41 20.15 -18.38 9.29
N GLU B 42 19.68 -18.06 10.48
CA GLU B 42 20.51 -17.43 11.50
C GLU B 42 21.55 -18.42 12.01
N LYS B 43 21.09 -19.62 12.37
CA LYS B 43 21.99 -20.71 12.75
C LYS B 43 23.06 -20.90 11.68
N GLU B 44 22.68 -20.79 10.42
CA GLU B 44 23.62 -21.03 9.33
C GLU B 44 24.51 -19.82 9.05
N GLY B 45 24.29 -18.74 9.79
CA GLY B 45 25.13 -17.56 9.64
C GLY B 45 24.77 -16.65 8.48
N LYS B 46 23.71 -16.98 7.75
CA LYS B 46 23.35 -16.17 6.57
C LYS B 46 22.89 -14.77 6.95
N ILE B 47 22.19 -14.66 8.07
CA ILE B 47 21.70 -13.39 8.58
C ILE B 47 22.02 -13.26 10.07
N SER B 48 21.95 -12.03 10.61
CA SER B 48 22.10 -11.86 12.06
C SER B 48 21.09 -10.89 12.63
N LYS B 49 20.69 -11.11 13.88
CA LYS B 49 19.79 -10.19 14.55
C LYS B 49 20.49 -8.85 14.71
N ILE B 50 19.74 -7.76 14.57
CA ILE B 50 20.33 -6.43 14.69
C ILE B 50 19.66 -5.56 15.73
N GLY B 51 20.36 -4.50 16.12
CA GLY B 51 19.82 -3.54 17.08
C GLY B 51 19.19 -2.32 16.44
N PRO B 52 18.64 -1.42 17.26
CA PRO B 52 17.86 -0.26 16.80
C PRO B 52 18.72 0.81 16.16
N GLU B 53 20.04 0.69 16.33
CA GLU B 53 20.98 1.60 15.70
C GLU B 53 21.05 1.41 14.18
N ASN B 54 20.27 0.46 13.66
CA ASN B 54 20.14 0.28 12.21
C ASN B 54 18.75 0.78 11.83
N PRO B 55 18.69 1.95 11.18
CA PRO B 55 17.45 2.65 10.87
C PRO B 55 16.74 2.19 9.58
N TYR B 56 17.38 1.31 8.82
CA TYR B 56 16.86 0.92 7.52
C TYR B 56 15.85 -0.20 7.64
N ASN B 57 15.04 -0.36 6.59
CA ASN B 57 14.13 -1.49 6.48
C ASN B 57 13.67 -1.71 5.05
N THR B 58 13.53 -2.98 4.70
CA THR B 58 12.88 -3.38 3.46
C THR B 58 11.87 -4.46 3.84
N PRO B 59 10.74 -4.54 3.12
CA PRO B 59 9.63 -5.47 3.41
C PRO B 59 10.01 -6.91 3.11
N VAL B 60 9.47 -7.86 3.87
CA VAL B 60 9.57 -9.28 3.52
C VAL B 60 8.20 -9.95 3.50
N PHE B 61 8.10 -10.98 2.68
CA PHE B 61 6.84 -11.68 2.47
C PHE B 61 7.15 -13.18 2.44
N ALA B 62 6.10 -13.98 2.62
CA ALA B 62 6.18 -15.42 2.38
C ALA B 62 5.36 -15.78 1.14
N ILE B 63 5.98 -16.54 0.23
CA ILE B 63 5.28 -17.09 -0.92
C ILE B 63 5.45 -18.60 -0.95
N LYS B 64 4.52 -19.29 -1.60
CA LYS B 64 4.54 -20.74 -1.56
C LYS B 64 4.79 -21.34 -2.93
N LYS B 65 5.89 -20.91 -3.55
CA LYS B 65 6.41 -21.51 -4.77
C LYS B 65 5.38 -21.60 -5.89
N SER B 68 4.41 -26.47 -5.51
CA SER B 68 5.16 -26.87 -4.33
C SER B 68 4.46 -26.44 -3.04
N THR B 69 4.59 -27.26 -2.01
CA THR B 69 3.97 -27.00 -0.71
C THR B 69 5.02 -26.60 0.33
N LYS B 70 5.98 -25.78 -0.07
CA LYS B 70 7.02 -25.29 0.82
C LYS B 70 7.03 -23.76 0.83
N TRP B 71 6.78 -23.16 2.00
CA TRP B 71 6.89 -21.72 2.16
C TRP B 71 8.30 -21.26 1.81
N ARG B 72 8.39 -20.06 1.23
CA ARG B 72 9.67 -19.48 0.86
C ARG B 72 9.69 -18.00 1.24
N LYS B 73 10.87 -17.48 1.54
CA LYS B 73 11.02 -16.08 1.92
C LYS B 73 11.28 -15.22 0.70
N LEU B 74 10.52 -14.13 0.56
CA LEU B 74 10.69 -13.20 -0.54
C LEU B 74 10.95 -11.82 0.04
N VAL B 75 12.13 -11.27 -0.20
CA VAL B 75 12.42 -9.91 0.26
C VAL B 75 12.19 -8.93 -0.87
N ASP B 76 11.45 -7.87 -0.58
CA ASP B 76 11.14 -6.83 -1.55
C ASP B 76 12.24 -5.77 -1.61
N PHE B 77 13.26 -6.03 -2.42
CA PHE B 77 14.41 -5.14 -2.51
C PHE B 77 14.30 -4.03 -3.54
N ARG B 78 13.07 -3.66 -3.90
CA ARG B 78 12.88 -2.66 -4.94
C ARG B 78 13.54 -1.32 -4.61
N GLU B 79 13.47 -0.88 -3.35
CA GLU B 79 14.11 0.39 -2.99
C GLU B 79 15.63 0.29 -3.03
N LEU B 80 16.17 -0.67 -2.29
CA LEU B 80 17.62 -0.93 -2.29
C LEU B 80 18.14 -1.03 -3.72
N ASN B 81 17.44 -1.78 -4.58
CA ASN B 81 17.90 -1.96 -5.95
C ASN B 81 17.96 -0.60 -6.64
N LYS B 82 16.90 0.17 -6.46
CA LYS B 82 16.81 1.51 -7.02
C LYS B 82 17.93 2.41 -6.49
N ARG B 83 18.26 2.27 -5.20
CA ARG B 83 19.27 3.12 -4.57
C ARG B 83 20.71 2.69 -4.79
N THR B 84 20.92 1.47 -5.28
CA THR B 84 22.26 0.99 -5.55
C THR B 84 22.53 0.85 -7.04
N GLN B 85 21.64 1.42 -7.84
CA GLN B 85 21.61 1.17 -9.29
C GLN B 85 22.94 1.40 -10.00
N ASP B 86 23.83 2.16 -9.37
CA ASP B 86 25.12 2.47 -9.98
C ASP B 86 25.99 1.23 -9.93
N PHE B 87 25.77 0.40 -8.92
CA PHE B 87 26.62 -0.75 -8.70
C PHE B 87 26.27 -1.91 -9.65
N TRP B 88 24.99 -2.25 -9.74
CA TRP B 88 24.57 -3.42 -10.51
C TRP B 88 24.34 -3.15 -12.00
N GLU B 89 24.30 -1.89 -12.39
CA GLU B 89 24.01 -1.57 -13.78
C GLU B 89 25.21 -1.00 -14.56
N VAL B 90 25.92 -0.04 -13.98
CA VAL B 90 27.02 0.61 -14.71
C VAL B 90 28.40 0.14 -14.27
N GLN B 91 28.62 0.01 -12.97
CA GLN B 91 29.91 -0.40 -12.44
C GLN B 91 30.23 -1.82 -12.91
N LEU B 92 29.48 -2.78 -12.39
CA LEU B 92 29.48 -4.13 -12.92
C LEU B 92 28.32 -4.23 -13.90
N GLY B 93 27.63 -5.37 -13.93
CA GLY B 93 26.45 -5.42 -14.77
C GLY B 93 26.54 -6.46 -15.86
N ILE B 94 25.50 -7.28 -15.96
CA ILE B 94 25.48 -8.40 -16.89
C ILE B 94 24.92 -7.94 -18.23
N PRO B 95 25.70 -8.13 -19.30
CA PRO B 95 25.24 -7.87 -20.68
C PRO B 95 24.06 -8.78 -21.05
N HIS B 96 23.08 -8.23 -21.75
CA HIS B 96 21.94 -9.01 -22.19
C HIS B 96 22.09 -9.41 -23.66
N PRO B 97 21.94 -10.71 -23.95
CA PRO B 97 22.10 -11.27 -25.29
C PRO B 97 20.83 -11.12 -26.13
N ALA B 98 21.00 -10.61 -27.34
CA ALA B 98 19.87 -10.41 -28.25
C ALA B 98 19.40 -11.74 -28.82
N GLY B 99 20.31 -12.72 -28.83
CA GLY B 99 19.98 -14.01 -29.38
C GLY B 99 19.04 -14.84 -28.53
N LEU B 100 18.97 -14.54 -27.23
CA LEU B 100 18.12 -15.33 -26.32
C LEU B 100 16.66 -15.42 -26.78
N LYS B 101 16.09 -14.29 -27.19
CA LYS B 101 14.69 -14.28 -27.59
C LYS B 101 14.48 -15.00 -28.92
N LYS B 102 15.57 -15.24 -29.65
CA LYS B 102 15.49 -15.96 -30.92
C LYS B 102 15.29 -17.47 -30.77
N LYS B 103 15.62 -18.01 -29.60
CA LYS B 103 15.69 -19.48 -29.42
C LYS B 103 14.32 -20.17 -29.50
N LYS B 104 14.31 -21.43 -29.88
CA LYS B 104 13.06 -22.18 -29.91
C LYS B 104 12.55 -22.44 -28.50
N SER B 105 13.46 -22.75 -27.58
CA SER B 105 13.05 -23.00 -26.20
C SER B 105 13.97 -22.29 -25.21
N VAL B 106 13.37 -21.70 -24.19
CA VAL B 106 14.15 -21.11 -23.12
C VAL B 106 13.65 -21.66 -21.79
N THR B 107 14.57 -22.24 -21.02
CA THR B 107 14.22 -22.77 -19.72
C THR B 107 14.71 -21.85 -18.62
N VAL B 108 13.89 -21.65 -17.59
CA VAL B 108 14.23 -20.78 -16.47
C VAL B 108 14.62 -21.65 -15.25
N LEU B 109 15.85 -21.53 -14.78
CA LEU B 109 16.27 -22.27 -13.58
C LEU B 109 16.59 -21.32 -12.44
N ASP B 110 16.14 -21.69 -11.24
CA ASP B 110 16.46 -20.89 -10.05
C ASP B 110 17.86 -21.23 -9.56
N VAL B 111 18.73 -20.22 -9.46
CA VAL B 111 20.07 -20.39 -8.90
C VAL B 111 20.35 -19.48 -7.70
N GLY B 112 19.29 -19.03 -7.03
CA GLY B 112 19.43 -18.11 -5.92
C GLY B 112 20.26 -18.64 -4.75
N ASP B 113 20.25 -19.95 -4.54
CA ASP B 113 21.00 -20.58 -3.45
C ASP B 113 22.49 -20.25 -3.54
N ALA B 114 22.98 -20.02 -4.74
CA ALA B 114 24.39 -19.74 -4.97
C ALA B 114 24.89 -18.54 -4.16
N TYR B 115 24.04 -17.54 -3.97
CA TYR B 115 24.48 -16.32 -3.31
C TYR B 115 24.81 -16.51 -1.83
N PHE B 116 24.13 -17.46 -1.19
CA PHE B 116 24.26 -17.67 0.24
C PHE B 116 25.64 -18.14 0.70
N SER B 117 26.52 -18.43 -0.27
CA SER B 117 27.87 -18.87 0.04
C SER B 117 28.91 -17.76 -0.13
N VAL B 118 28.49 -16.62 -0.65
CA VAL B 118 29.38 -15.49 -0.82
C VAL B 118 29.09 -14.43 0.24
N PRO B 119 30.13 -14.01 0.99
CA PRO B 119 30.05 -12.97 2.02
C PRO B 119 29.70 -11.59 1.45
N LEU B 120 28.87 -10.84 2.17
CA LEU B 120 28.50 -9.50 1.75
C LEU B 120 29.40 -8.45 2.41
N ASP B 121 29.76 -7.41 1.65
CA ASP B 121 30.57 -6.32 2.17
C ASP B 121 30.09 -5.91 3.57
N GLU B 122 31.02 -5.91 4.52
CA GLU B 122 30.69 -5.67 5.91
C GLU B 122 29.94 -4.36 6.09
N ASP B 123 30.34 -3.35 5.32
CA ASP B 123 29.77 -2.02 5.47
C ASP B 123 28.45 -1.85 4.75
N PHE B 124 28.07 -2.83 3.92
CA PHE B 124 26.81 -2.70 3.19
C PHE B 124 25.69 -3.42 3.91
N ARG B 125 26.04 -4.27 4.87
CA ARG B 125 25.08 -5.19 5.46
C ARG B 125 23.88 -4.48 6.11
N LYS B 126 24.11 -3.29 6.65
CA LYS B 126 23.05 -2.59 7.36
C LYS B 126 21.92 -2.20 6.43
N TYR B 127 22.19 -2.19 5.13
CA TYR B 127 21.19 -1.73 4.16
C TYR B 127 20.21 -2.83 3.78
N THR B 128 20.53 -4.07 4.17
CA THR B 128 19.67 -5.22 3.89
C THR B 128 18.74 -5.55 5.07
N ALA B 129 18.68 -4.65 6.05
CA ALA B 129 17.79 -4.84 7.20
C ALA B 129 16.33 -5.12 6.79
N PHE B 130 15.73 -6.12 7.43
CA PHE B 130 14.30 -6.37 7.29
C PHE B 130 13.68 -6.79 8.63
N THR B 131 12.36 -6.83 8.69
CA THR B 131 11.64 -7.03 9.95
C THR B 131 10.55 -8.09 9.80
N ILE B 132 10.53 -9.07 10.69
CA ILE B 132 9.39 -9.95 10.83
C ILE B 132 8.40 -9.38 11.86
N PRO B 133 7.20 -9.00 11.41
CA PRO B 133 6.22 -8.35 12.30
C PRO B 133 5.58 -9.35 13.25
N SER B 134 4.85 -8.86 14.25
CA SER B 134 4.06 -9.74 15.09
C SER B 134 2.60 -9.34 15.00
N ILE B 135 1.72 -10.22 15.45
CA ILE B 135 0.29 -9.99 15.41
C ILE B 135 -0.15 -9.11 16.57
N ASN B 136 -0.95 -8.08 16.25
CA ASN B 136 -1.49 -7.14 17.23
C ASN B 136 -0.37 -6.46 18.00
N ASN B 137 0.82 -6.45 17.41
CA ASN B 137 1.96 -5.75 17.99
C ASN B 137 2.23 -6.23 19.40
N GLU B 138 2.14 -7.55 19.57
CA GLU B 138 2.43 -8.21 20.85
C GLU B 138 3.87 -7.95 21.26
N THR B 139 4.76 -7.97 20.28
CA THR B 139 6.16 -7.68 20.53
C THR B 139 6.70 -6.76 19.45
N PRO B 140 7.91 -6.20 19.65
CA PRO B 140 8.55 -5.54 18.51
C PRO B 140 8.85 -6.58 17.43
N GLY B 141 8.91 -6.13 16.18
CA GLY B 141 9.26 -7.07 15.14
C GLY B 141 10.57 -7.77 15.50
N ILE B 142 10.88 -8.84 14.78
CA ILE B 142 12.19 -9.47 14.86
C ILE B 142 13.05 -8.89 13.72
N ARG B 143 14.17 -8.26 14.04
CA ARG B 143 14.99 -7.58 13.03
C ARG B 143 16.24 -8.32 12.65
N TYR B 144 16.51 -8.36 11.34
CA TYR B 144 17.65 -9.09 10.80
C TYR B 144 18.35 -8.27 9.73
N GLN B 145 19.64 -8.54 9.52
CA GLN B 145 20.30 -8.09 8.30
C GLN B 145 21.09 -9.25 7.69
N TYR B 146 21.53 -9.07 6.46
CA TYR B 146 22.23 -10.14 5.75
C TYR B 146 23.75 -10.15 5.98
N ASN B 147 24.32 -11.36 6.06
CA ASN B 147 25.78 -11.51 6.09
C ASN B 147 26.35 -11.99 4.76
N VAL B 148 25.46 -12.43 3.87
CA VAL B 148 25.85 -12.95 2.56
C VAL B 148 24.99 -12.30 1.46
N LEU B 149 25.41 -12.42 0.21
CA LEU B 149 24.60 -11.97 -0.92
C LEU B 149 23.15 -12.44 -0.76
N PRO B 150 22.21 -11.50 -0.63
CA PRO B 150 20.79 -11.83 -0.50
C PRO B 150 20.13 -12.08 -1.86
N GLN B 151 19.14 -12.97 -1.87
CA GLN B 151 18.29 -13.13 -3.04
C GLN B 151 17.40 -11.91 -3.21
N GLY B 152 17.22 -11.46 -4.45
CA GLY B 152 16.33 -10.33 -4.71
C GLY B 152 17.05 -9.00 -4.86
N TRP B 153 18.29 -8.94 -4.41
CA TRP B 153 19.11 -7.74 -4.59
C TRP B 153 19.81 -7.85 -5.92
N LYS B 154 19.72 -6.80 -6.73
CA LYS B 154 20.35 -6.82 -8.04
C LYS B 154 21.87 -6.78 -7.93
N GLY B 155 22.38 -6.46 -6.74
CA GLY B 155 23.81 -6.51 -6.52
C GLY B 155 24.37 -7.93 -6.46
N SER B 156 23.53 -8.89 -6.06
CA SER B 156 24.04 -10.25 -5.82
C SER B 156 24.56 -10.94 -7.08
N PRO B 157 23.76 -10.95 -8.17
CA PRO B 157 24.24 -11.53 -9.44
C PRO B 157 25.37 -10.71 -10.05
N ALA B 158 25.37 -9.41 -9.77
CA ALA B 158 26.43 -8.54 -10.27
C ALA B 158 27.76 -8.96 -9.64
N ILE B 159 27.72 -9.24 -8.33
CA ILE B 159 28.92 -9.59 -7.59
C ILE B 159 29.34 -11.04 -7.87
N PHE B 160 28.36 -11.93 -7.99
CA PHE B 160 28.62 -13.35 -8.20
C PHE B 160 28.94 -13.65 -9.67
N GLN B 161 28.87 -12.60 -10.49
CA GLN B 161 29.03 -12.73 -11.94
C GLN B 161 30.27 -13.53 -12.36
N SER B 162 31.45 -13.14 -11.87
CA SER B 162 32.67 -13.79 -12.33
C SER B 162 32.78 -15.23 -11.83
N SER B 163 32.11 -15.57 -10.74
CA SER B 163 32.06 -16.95 -10.30
C SER B 163 31.09 -17.77 -11.14
N MET B 164 29.97 -17.16 -11.52
CA MET B 164 29.03 -17.83 -12.41
C MET B 164 29.69 -18.15 -13.75
N THR B 165 30.56 -17.27 -14.22
CA THR B 165 31.20 -17.47 -15.50
C THR B 165 32.10 -18.71 -15.50
N LYS B 166 32.80 -18.95 -14.40
CA LYS B 166 33.60 -20.15 -14.29
C LYS B 166 32.75 -21.41 -14.24
N ILE B 167 31.67 -21.36 -13.48
CA ILE B 167 30.79 -22.51 -13.36
C ILE B 167 30.23 -22.88 -14.72
N LEU B 168 29.92 -21.89 -15.55
CA LEU B 168 29.25 -22.13 -16.81
C LEU B 168 30.20 -22.36 -17.99
N GLU B 169 31.49 -22.08 -17.80
CA GLU B 169 32.43 -22.08 -18.92
C GLU B 169 32.58 -23.45 -19.62
N PRO B 170 32.78 -24.53 -18.84
CA PRO B 170 32.84 -25.83 -19.52
C PRO B 170 31.59 -26.09 -20.35
N PHE B 171 30.43 -25.82 -19.79
CA PHE B 171 29.18 -26.10 -20.48
C PHE B 171 28.97 -25.21 -21.70
N ARG B 172 29.37 -23.95 -21.63
CA ARG B 172 29.29 -23.07 -22.79
C ARG B 172 30.24 -23.53 -23.91
N LYS B 173 31.47 -23.83 -23.53
CA LYS B 173 32.46 -24.32 -24.49
C LYS B 173 31.95 -25.57 -25.22
N GLN B 174 31.27 -26.45 -24.50
CA GLN B 174 30.77 -27.70 -25.09
C GLN B 174 29.48 -27.50 -25.87
N ASN B 175 28.79 -26.40 -25.63
CA ASN B 175 27.56 -26.11 -26.38
C ASN B 175 27.52 -24.64 -26.82
N PRO B 176 28.26 -24.31 -27.89
CA PRO B 176 28.36 -22.93 -28.38
C PRO B 176 27.05 -22.30 -28.86
N ASP B 177 26.10 -23.13 -29.27
CA ASP B 177 24.80 -22.65 -29.74
C ASP B 177 23.72 -22.55 -28.65
N ILE B 178 24.11 -22.75 -27.40
CA ILE B 178 23.18 -22.49 -26.31
C ILE B 178 23.47 -21.14 -25.67
N VAL B 179 22.43 -20.35 -25.50
CA VAL B 179 22.56 -19.05 -24.87
C VAL B 179 22.11 -19.10 -23.41
N ILE B 180 22.98 -18.63 -22.53
CA ILE B 180 22.67 -18.61 -21.10
C ILE B 180 22.80 -17.18 -20.59
N TYR B 181 21.76 -16.71 -19.90
CA TYR B 181 21.72 -15.34 -19.41
C TYR B 181 21.24 -15.36 -17.97
N GLN B 182 21.89 -14.58 -17.13
CA GLN B 182 21.49 -14.50 -15.73
C GLN B 182 20.73 -13.19 -15.50
N TYR B 183 19.58 -13.29 -14.85
CA TYR B 183 18.86 -12.11 -14.37
C TYR B 183 18.39 -12.32 -12.94
N MET B 184 18.83 -11.45 -12.04
CA MET B 184 18.57 -11.62 -10.63
C MET B 184 18.84 -13.08 -10.21
N ASP B 185 17.86 -13.77 -9.64
CA ASP B 185 18.08 -15.11 -9.08
C ASP B 185 17.98 -16.26 -10.09
N ASP B 186 17.71 -15.95 -11.36
CA ASP B 186 17.44 -17.01 -12.32
C ASP B 186 18.47 -17.08 -13.45
N LEU B 187 18.63 -18.28 -14.00
CA LEU B 187 19.34 -18.50 -15.24
C LEU B 187 18.33 -18.73 -16.37
N TYR B 188 18.53 -18.07 -17.51
CA TYR B 188 17.71 -18.34 -18.70
C TYR B 188 18.51 -19.10 -19.74
N VAL B 189 18.01 -20.25 -20.16
CA VAL B 189 18.76 -21.13 -21.03
C VAL B 189 18.01 -21.41 -22.33
N GLY B 190 18.57 -20.93 -23.44
CA GLY B 190 17.89 -21.07 -24.72
C GLY B 190 18.63 -21.91 -25.76
N SER B 191 17.91 -22.79 -26.44
CA SER B 191 18.52 -23.53 -27.55
C SER B 191 17.52 -23.63 -28.68
N ASP B 192 17.99 -24.17 -29.80
CA ASP B 192 17.14 -24.47 -30.95
C ASP B 192 16.88 -25.97 -31.12
N LEU B 193 17.36 -26.78 -30.18
CA LEU B 193 17.27 -28.25 -30.24
C LEU B 193 15.83 -28.75 -30.25
N GLU B 194 15.61 -30.02 -30.59
CA GLU B 194 14.29 -30.61 -30.38
C GLU B 194 14.08 -30.70 -28.87
N ILE B 195 12.82 -30.73 -28.45
CA ILE B 195 12.50 -30.48 -27.05
C ILE B 195 13.09 -31.55 -26.14
N GLY B 196 13.34 -32.74 -26.69
CA GLY B 196 14.03 -33.79 -25.93
C GLY B 196 15.51 -33.51 -25.69
N GLN B 197 16.22 -33.09 -26.72
CA GLN B 197 17.65 -32.79 -26.56
C GLN B 197 17.79 -31.54 -25.70
N HIS B 198 16.82 -30.65 -25.80
CA HIS B 198 16.86 -29.43 -24.99
C HIS B 198 16.74 -29.80 -23.51
N ARG B 199 15.73 -30.60 -23.18
CA ARG B 199 15.55 -31.02 -21.79
C ARG B 199 16.74 -31.81 -21.27
N THR B 200 17.38 -32.57 -22.17
CA THR B 200 18.58 -33.33 -21.78
C THR B 200 19.72 -32.40 -21.44
N LYS B 201 19.88 -31.32 -22.21
CA LYS B 201 20.95 -30.37 -21.95
C LYS B 201 20.70 -29.59 -20.66
N ILE B 202 19.43 -29.37 -20.32
CA ILE B 202 19.13 -28.68 -19.06
C ILE B 202 19.53 -29.58 -17.89
N GLU B 203 19.15 -30.85 -17.97
CA GLU B 203 19.63 -31.88 -17.04
C GLU B 203 21.16 -31.82 -16.86
N GLU B 204 21.91 -31.76 -17.95
CA GLU B 204 23.37 -31.66 -17.87
C GLU B 204 23.81 -30.39 -17.15
N LEU B 205 23.16 -29.29 -17.49
CA LEU B 205 23.48 -28.01 -16.89
C LEU B 205 23.25 -28.11 -15.39
N ARG B 206 22.15 -28.75 -14.99
CA ARG B 206 21.82 -28.87 -13.57
C ARG B 206 22.96 -29.57 -12.82
N GLN B 207 23.53 -30.59 -13.45
CA GLN B 207 24.62 -31.33 -12.85
C GLN B 207 25.87 -30.47 -12.67
N HIS B 208 26.20 -29.66 -13.68
CA HIS B 208 27.28 -28.68 -13.51
C HIS B 208 26.98 -27.79 -12.31
N LEU B 209 25.80 -27.20 -12.28
CA LEU B 209 25.41 -26.32 -11.18
C LEU B 209 25.46 -27.08 -9.85
N LEU B 210 25.00 -28.33 -9.86
CA LEU B 210 24.95 -29.16 -8.66
C LEU B 210 26.31 -29.35 -7.98
N ARG B 211 27.40 -29.23 -8.73
CA ARG B 211 28.74 -29.38 -8.14
C ARG B 211 29.17 -28.15 -7.37
N TRP B 212 28.44 -27.05 -7.53
CA TRP B 212 28.81 -25.81 -6.84
C TRP B 212 27.76 -25.39 -5.82
N GLY B 213 26.78 -26.26 -5.62
CA GLY B 213 25.76 -26.01 -4.60
C GLY B 213 24.53 -25.28 -5.11
N LEU B 214 24.06 -25.68 -6.29
CA LEU B 214 22.83 -25.13 -6.85
C LEU B 214 21.86 -26.25 -7.17
N THR B 215 21.20 -26.76 -6.13
CA THR B 215 20.27 -27.88 -6.25
C THR B 215 18.97 -27.44 -6.92
N TYR B 232 10.24 -24.24 -15.90
CA TYR B 232 9.31 -24.26 -17.02
C TYR B 232 9.95 -23.77 -18.33
N GLU B 233 9.33 -24.14 -19.46
CA GLU B 233 9.84 -23.82 -20.80
C GLU B 233 9.10 -22.69 -21.52
N LEU B 234 9.84 -21.66 -21.92
CA LEU B 234 9.34 -20.60 -22.78
C LEU B 234 9.55 -20.95 -24.26
N HIS B 235 8.76 -20.35 -25.14
CA HIS B 235 8.96 -20.53 -26.55
C HIS B 235 8.87 -19.20 -27.28
N PRO B 236 9.97 -18.42 -27.26
CA PRO B 236 9.98 -17.03 -27.72
C PRO B 236 9.62 -16.87 -29.19
N ASP B 237 9.91 -17.91 -29.98
CA ASP B 237 9.44 -17.99 -31.37
C ASP B 237 7.94 -17.78 -31.43
N LYS B 238 7.22 -18.53 -30.60
CA LYS B 238 5.76 -18.47 -30.58
C LYS B 238 5.24 -17.09 -30.18
N TRP B 239 6.16 -16.18 -29.88
CA TRP B 239 5.77 -14.83 -29.51
C TRP B 239 5.63 -13.94 -30.75
N THR B 240 4.45 -13.36 -30.89
CA THR B 240 4.14 -12.46 -32.00
C THR B 240 3.13 -11.44 -31.50
N VAL B 241 3.06 -10.29 -32.15
CA VAL B 241 2.14 -9.24 -31.74
C VAL B 241 0.72 -9.73 -31.59
N GLN B 242 -0.01 -9.14 -30.65
CA GLN B 242 -1.46 -9.19 -30.65
C GLN B 242 -1.96 -7.97 -31.44
N PRO B 243 -2.07 -8.10 -32.77
CA PRO B 243 -2.43 -6.95 -33.59
C PRO B 243 -3.82 -6.41 -33.25
N ILE B 244 -3.94 -5.09 -33.20
CA ILE B 244 -5.24 -4.45 -33.11
C ILE B 244 -6.09 -5.01 -34.24
N VAL B 245 -7.15 -5.73 -33.88
CA VAL B 245 -7.92 -6.47 -34.88
C VAL B 245 -9.13 -5.70 -35.35
N LEU B 246 -9.21 -5.51 -36.67
CA LEU B 246 -10.38 -4.94 -37.29
C LEU B 246 -11.32 -6.07 -37.66
N PRO B 247 -12.59 -5.99 -37.24
CA PRO B 247 -13.52 -7.08 -37.53
C PRO B 247 -13.73 -7.31 -39.03
N GLU B 248 -14.17 -8.51 -39.36
CA GLU B 248 -14.69 -8.84 -40.68
C GLU B 248 -16.19 -9.05 -40.48
N LYS B 249 -17.01 -8.16 -41.02
CA LYS B 249 -18.43 -8.24 -40.73
C LYS B 249 -19.33 -8.41 -41.94
N ASP B 250 -20.50 -8.99 -41.68
CA ASP B 250 -21.45 -9.41 -42.70
C ASP B 250 -22.19 -8.19 -43.26
N SER B 251 -22.85 -7.46 -42.37
CA SER B 251 -23.37 -6.14 -42.67
C SER B 251 -22.90 -5.16 -41.60
N TRP B 252 -22.61 -3.93 -42.01
CA TRP B 252 -22.11 -2.91 -41.08
C TRP B 252 -23.19 -1.89 -40.73
N THR B 253 -23.30 -1.58 -39.44
CA THR B 253 -24.21 -0.53 -38.98
C THR B 253 -23.43 0.76 -38.78
N VAL B 254 -24.16 1.86 -38.67
CA VAL B 254 -23.55 3.15 -38.34
C VAL B 254 -22.67 3.02 -37.10
N ASN B 255 -23.22 2.40 -36.05
CA ASN B 255 -22.51 2.17 -34.80
C ASN B 255 -21.22 1.38 -35.04
N ASP B 256 -21.31 0.33 -35.85
CA ASP B 256 -20.14 -0.47 -36.22
C ASP B 256 -19.07 0.37 -36.92
N ILE B 257 -19.50 1.23 -37.83
CA ILE B 257 -18.55 2.06 -38.59
C ILE B 257 -17.90 3.08 -37.66
N GLN B 258 -18.69 3.57 -36.71
CA GLN B 258 -18.19 4.48 -35.70
C GLN B 258 -17.09 3.84 -34.86
N LYS B 259 -17.33 2.64 -34.36
CA LYS B 259 -16.34 1.91 -33.59
C LYS B 259 -15.07 1.69 -34.41
N LEU B 260 -15.25 1.42 -35.70
CA LEU B 260 -14.12 1.24 -36.62
C LEU B 260 -13.25 2.48 -36.72
N VAL B 261 -13.88 3.63 -36.93
CA VAL B 261 -13.15 4.88 -37.04
C VAL B 261 -12.46 5.19 -35.70
N GLY B 262 -13.19 5.03 -34.62
CA GLY B 262 -12.59 5.22 -33.31
C GLY B 262 -11.32 4.41 -33.17
N LYS B 263 -11.39 3.12 -33.52
CA LYS B 263 -10.26 2.20 -33.35
C LYS B 263 -9.11 2.51 -34.32
N LEU B 264 -9.42 2.90 -35.55
CA LEU B 264 -8.39 3.27 -36.52
C LEU B 264 -7.82 4.65 -36.18
N ASN B 265 -8.67 5.52 -35.62
CA ASN B 265 -8.23 6.81 -35.15
C ASN B 265 -7.13 6.67 -34.09
N TRP B 266 -7.33 5.76 -33.15
CA TRP B 266 -6.31 5.45 -32.15
C TRP B 266 -5.04 4.90 -32.82
N ALA B 267 -5.20 3.94 -33.73
CA ALA B 267 -4.06 3.30 -34.35
C ALA B 267 -3.15 4.30 -35.07
N SER B 268 -3.74 5.34 -35.65
CA SER B 268 -2.99 6.31 -36.44
C SER B 268 -2.08 7.17 -35.57
N GLN B 269 -2.32 7.12 -34.26
CA GLN B 269 -1.43 7.77 -33.30
C GLN B 269 -0.13 6.97 -33.20
N ILE B 270 -0.19 5.71 -33.63
CA ILE B 270 0.88 4.75 -33.40
C ILE B 270 1.54 4.33 -34.72
N TYR B 271 0.73 3.84 -35.65
CA TYR B 271 1.22 3.33 -36.93
C TYR B 271 1.12 4.38 -38.02
N PRO B 272 2.27 4.76 -38.61
CA PRO B 272 2.22 5.63 -39.80
C PRO B 272 1.54 4.96 -41.00
N GLY B 273 0.67 5.72 -41.67
CA GLY B 273 0.07 5.24 -42.91
C GLY B 273 -1.38 4.82 -42.78
N ILE B 274 -1.91 4.88 -41.56
CA ILE B 274 -3.31 4.54 -41.31
C ILE B 274 -4.21 5.64 -41.88
N LYS B 275 -5.25 5.25 -42.59
CA LYS B 275 -6.13 6.22 -43.24
C LYS B 275 -7.60 5.95 -42.95
N VAL B 276 -8.37 7.02 -42.83
CA VAL B 276 -9.74 6.95 -42.31
C VAL B 276 -10.74 7.58 -43.27
N ARG B 277 -10.24 8.35 -44.24
CA ARG B 277 -11.11 9.17 -45.09
C ARG B 277 -12.22 8.38 -45.76
N GLN B 278 -11.86 7.42 -46.59
CA GLN B 278 -12.85 6.69 -47.40
C GLN B 278 -13.94 6.11 -46.51
N LEU B 279 -13.57 5.73 -45.30
CA LEU B 279 -14.45 4.97 -44.43
C LEU B 279 -15.50 5.84 -43.75
N CYS B 280 -15.10 7.00 -43.24
CA CYS B 280 -16.05 7.84 -42.53
C CYS B 280 -16.79 8.77 -43.48
N LYS B 281 -16.45 8.71 -44.77
CA LYS B 281 -17.29 9.31 -45.79
C LYS B 281 -18.67 8.65 -45.70
N LEU B 282 -18.67 7.36 -45.37
CA LEU B 282 -19.91 6.61 -45.15
C LEU B 282 -20.75 7.24 -44.03
N LEU B 283 -20.08 7.77 -43.01
CA LEU B 283 -20.76 8.39 -41.87
C LEU B 283 -21.11 9.84 -42.19
N ARG B 284 -22.14 10.02 -43.00
CA ARG B 284 -22.50 11.35 -43.49
C ARG B 284 -23.95 11.67 -43.15
N GLY B 285 -24.17 12.85 -42.57
CA GLY B 285 -25.49 13.19 -42.07
C GLY B 285 -25.68 12.67 -40.66
N THR B 286 -26.89 12.81 -40.12
CA THR B 286 -27.17 12.31 -38.77
C THR B 286 -28.03 11.05 -38.84
N LYS B 287 -27.38 9.89 -38.72
CA LYS B 287 -28.05 8.62 -38.94
C LYS B 287 -28.40 7.90 -37.64
N ALA B 288 -29.47 7.12 -37.68
CA ALA B 288 -29.80 6.22 -36.57
C ALA B 288 -28.67 5.21 -36.41
N LEU B 289 -28.34 4.89 -35.16
CA LEU B 289 -27.17 4.07 -34.87
C LEU B 289 -27.26 2.65 -35.42
N THR B 290 -28.47 2.13 -35.55
CA THR B 290 -28.67 0.75 -36.01
C THR B 290 -28.81 0.58 -37.53
N GLU B 291 -28.68 1.67 -38.27
CA GLU B 291 -28.93 1.64 -39.71
C GLU B 291 -27.81 0.92 -40.43
N VAL B 292 -28.18 0.14 -41.44
CA VAL B 292 -27.19 -0.58 -42.23
C VAL B 292 -26.67 0.28 -43.38
N ILE B 293 -25.36 0.40 -43.47
CA ILE B 293 -24.75 1.19 -44.53
C ILE B 293 -23.75 0.33 -45.31
N PRO B 294 -23.91 0.29 -46.63
CA PRO B 294 -23.07 -0.53 -47.53
C PRO B 294 -21.64 -0.03 -47.65
N LEU B 295 -20.71 -0.94 -47.92
CA LEU B 295 -19.30 -0.62 -47.93
C LEU B 295 -18.82 -0.13 -49.29
N THR B 296 -18.17 1.04 -49.28
CA THR B 296 -17.59 1.62 -50.49
C THR B 296 -16.39 0.81 -50.97
N GLU B 297 -16.31 0.64 -52.28
CA GLU B 297 -15.16 0.02 -52.92
C GLU B 297 -13.88 0.56 -52.32
N GLU B 298 -13.87 1.84 -52.01
CA GLU B 298 -12.71 2.50 -51.43
C GLU B 298 -12.55 2.18 -49.95
N ALA B 299 -13.64 2.24 -49.22
CA ALA B 299 -13.60 1.96 -47.78
C ALA B 299 -13.06 0.55 -47.55
N GLU B 300 -13.40 -0.35 -48.45
CA GLU B 300 -13.01 -1.75 -48.31
C GLU B 300 -11.54 -1.96 -48.62
N LEU B 301 -11.01 -1.15 -49.54
CA LEU B 301 -9.58 -1.18 -49.85
C LEU B 301 -8.81 -0.58 -48.69
N GLU B 302 -9.21 0.63 -48.30
CA GLU B 302 -8.62 1.34 -47.18
C GLU B 302 -8.58 0.44 -45.94
N LEU B 303 -9.70 -0.24 -45.68
CA LEU B 303 -9.80 -1.15 -44.55
C LEU B 303 -8.72 -2.23 -44.65
N ALA B 304 -8.68 -2.90 -45.80
CA ALA B 304 -7.72 -3.98 -46.03
C ALA B 304 -6.29 -3.48 -45.93
N GLU B 305 -6.04 -2.30 -46.49
CA GLU B 305 -4.70 -1.72 -46.46
C GLU B 305 -4.29 -1.40 -45.03
N ASN B 306 -5.26 -1.09 -44.18
CA ASN B 306 -4.99 -0.84 -42.77
C ASN B 306 -4.68 -2.14 -42.02
N ARG B 307 -5.38 -3.20 -42.40
CA ARG B 307 -5.11 -4.51 -41.81
C ARG B 307 -3.68 -4.93 -42.06
N GLU B 308 -3.18 -4.64 -43.27
CA GLU B 308 -1.78 -4.93 -43.60
C GLU B 308 -0.86 -4.29 -42.57
N ILE B 309 -1.11 -3.01 -42.31
CA ILE B 309 -0.21 -2.22 -41.48
C ILE B 309 -0.25 -2.69 -40.03
N LEU B 310 -1.45 -3.03 -39.55
CA LEU B 310 -1.62 -3.44 -38.15
C LEU B 310 -0.93 -4.78 -37.88
N LYS B 311 -0.73 -5.58 -38.93
CA LYS B 311 -0.13 -6.90 -38.80
C LYS B 311 1.36 -6.83 -38.47
N GLU B 312 1.98 -5.70 -38.80
CA GLU B 312 3.44 -5.59 -38.73
C GLU B 312 3.93 -4.80 -37.50
N PRO B 313 5.26 -4.83 -37.25
CA PRO B 313 5.83 -4.00 -36.18
C PRO B 313 5.64 -2.51 -36.46
N VAL B 314 5.74 -1.69 -35.41
CA VAL B 314 5.54 -0.26 -35.57
C VAL B 314 6.79 0.35 -36.21
N HIS B 315 6.62 0.91 -37.39
CA HIS B 315 7.73 1.57 -38.07
C HIS B 315 8.12 2.82 -37.28
N GLY B 316 9.37 2.88 -36.86
CA GLY B 316 9.87 4.07 -36.19
C GLY B 316 10.06 3.93 -34.68
N VAL B 317 9.66 2.80 -34.11
CA VAL B 317 9.79 2.57 -32.67
C VAL B 317 10.92 1.60 -32.37
N TYR B 318 11.87 2.06 -31.56
CA TYR B 318 13.03 1.26 -31.21
C TYR B 318 13.26 1.29 -29.71
N TYR B 319 13.85 0.23 -29.17
CA TYR B 319 14.15 0.16 -27.75
C TYR B 319 15.32 1.09 -27.42
N ASP B 320 15.12 1.93 -26.41
CA ASP B 320 16.17 2.81 -25.91
C ASP B 320 16.57 2.29 -24.52
N PRO B 321 17.75 1.66 -24.42
CA PRO B 321 18.21 0.97 -23.20
C PRO B 321 18.46 1.90 -22.02
N SER B 322 18.51 3.19 -22.29
CA SER B 322 18.70 4.18 -21.23
C SER B 322 17.37 4.52 -20.57
N LYS B 323 16.28 3.97 -21.11
CA LYS B 323 14.94 4.32 -20.68
C LYS B 323 14.20 3.16 -20.00
N ASP B 324 13.38 3.50 -19.00
CA ASP B 324 12.49 2.53 -18.37
C ASP B 324 11.47 1.94 -19.34
N LEU B 325 11.08 0.71 -19.07
CA LEU B 325 9.97 0.08 -19.78
C LEU B 325 8.69 0.24 -18.99
N ILE B 326 7.58 0.45 -19.70
CA ILE B 326 6.28 0.60 -19.08
C ILE B 326 5.35 -0.49 -19.65
N ALA B 327 4.50 -1.07 -18.82
CA ALA B 327 3.49 -2.00 -19.31
C ALA B 327 2.11 -1.58 -18.85
N GLU B 328 1.17 -1.49 -19.79
CA GLU B 328 -0.22 -1.30 -19.42
C GLU B 328 -1.02 -2.59 -19.62
N ILE B 329 -1.89 -2.91 -18.66
CA ILE B 329 -2.76 -4.07 -18.74
C ILE B 329 -4.23 -3.67 -18.78
N GLN B 330 -5.02 -4.27 -19.67
CA GLN B 330 -6.48 -4.06 -19.60
C GLN B 330 -7.23 -5.34 -19.30
N LYS B 331 -8.23 -5.24 -18.43
CA LYS B 331 -9.16 -6.34 -18.19
C LYS B 331 -10.19 -6.39 -19.31
N GLN B 332 -10.29 -7.53 -19.99
CA GLN B 332 -11.21 -7.69 -21.12
C GLN B 332 -12.46 -8.54 -20.85
N GLY B 333 -12.59 -9.05 -19.62
CA GLY B 333 -13.69 -9.96 -19.33
C GLY B 333 -13.38 -11.40 -19.71
N GLN B 334 -14.19 -12.34 -19.21
CA GLN B 334 -14.06 -13.75 -19.57
C GLN B 334 -12.61 -14.23 -19.42
N GLY B 335 -11.92 -13.72 -18.39
CA GLY B 335 -10.58 -14.19 -18.11
C GLY B 335 -9.57 -13.84 -19.19
N GLN B 336 -9.80 -12.74 -19.90
CA GLN B 336 -8.85 -12.28 -20.89
C GLN B 336 -8.27 -10.92 -20.52
N TRP B 337 -6.97 -10.76 -20.77
CA TRP B 337 -6.28 -9.55 -20.39
C TRP B 337 -5.38 -9.16 -21.55
N THR B 338 -5.41 -7.89 -21.93
CA THR B 338 -4.52 -7.44 -22.98
C THR B 338 -3.44 -6.58 -22.39
N TYR B 339 -2.28 -6.54 -23.05
CA TYR B 339 -1.23 -5.66 -22.57
C TYR B 339 -0.36 -5.05 -23.65
N GLN B 340 0.25 -3.92 -23.33
CA GLN B 340 1.18 -3.29 -24.23
C GLN B 340 2.42 -2.91 -23.42
N ILE B 341 3.57 -2.99 -24.08
CA ILE B 341 4.83 -2.54 -23.50
C ILE B 341 5.41 -1.42 -24.37
N TYR B 342 5.76 -0.31 -23.73
CA TYR B 342 6.37 0.81 -24.44
C TYR B 342 7.29 1.59 -23.51
N GLN B 343 8.02 2.54 -24.07
CA GLN B 343 8.85 3.44 -23.26
C GLN B 343 8.29 4.86 -23.28
N GLU B 344 7.93 5.32 -24.46
CA GLU B 344 7.08 6.51 -24.60
C GLU B 344 5.68 6.08 -25.01
N PRO B 345 4.66 6.65 -24.36
CA PRO B 345 3.28 6.21 -24.58
C PRO B 345 2.88 6.15 -26.04
N PHE B 346 2.18 5.06 -26.41
CA PHE B 346 1.68 4.86 -27.76
C PHE B 346 2.75 4.37 -28.73
N LYS B 347 4.00 4.39 -28.29
CA LYS B 347 5.08 3.81 -29.07
C LYS B 347 5.31 2.36 -28.67
N ASN B 348 4.39 1.47 -29.04
CA ASN B 348 4.39 0.09 -28.56
C ASN B 348 5.60 -0.69 -29.04
N LEU B 349 6.39 -1.22 -28.10
CA LEU B 349 7.45 -2.16 -28.46
C LEU B 349 6.87 -3.57 -28.63
N LYS B 350 5.77 -3.84 -27.91
CA LYS B 350 5.15 -5.16 -27.94
C LYS B 350 3.74 -5.07 -27.41
N THR B 351 2.85 -5.89 -27.97
CA THR B 351 1.50 -6.03 -27.44
C THR B 351 1.14 -7.51 -27.42
N GLY B 352 0.28 -7.90 -26.49
CA GLY B 352 -0.05 -9.30 -26.36
C GLY B 352 -1.32 -9.51 -25.57
N LYS B 353 -1.57 -10.77 -25.21
CA LYS B 353 -2.73 -11.13 -24.39
C LYS B 353 -2.42 -12.30 -23.47
N TYR B 354 -3.11 -12.33 -22.33
CA TYR B 354 -3.07 -13.48 -21.43
C TYR B 354 -4.51 -13.86 -21.09
N ALA B 355 -4.81 -15.15 -21.07
CA ALA B 355 -6.17 -15.61 -20.76
C ALA B 355 -6.24 -16.86 -19.91
N ARG B 356 -7.31 -16.97 -19.11
CA ARG B 356 -7.58 -18.14 -18.27
C ARG B 356 -6.56 -18.29 -17.15
N HIS B 361 -9.87 -20.19 -11.42
CA HIS B 361 -10.13 -18.78 -11.17
C HIS B 361 -11.47 -18.34 -11.76
N THR B 362 -12.28 -17.70 -10.92
CA THR B 362 -12.98 -16.47 -11.30
C THR B 362 -12.42 -15.36 -10.41
N ASN B 363 -11.11 -15.42 -10.18
CA ASN B 363 -10.41 -14.50 -9.30
C ASN B 363 -9.59 -13.48 -10.11
N ASP B 364 -10.01 -12.22 -10.06
CA ASP B 364 -9.38 -11.15 -10.85
C ASP B 364 -7.93 -10.93 -10.43
N VAL B 365 -7.69 -10.89 -9.12
CA VAL B 365 -6.34 -10.60 -8.63
C VAL B 365 -5.41 -11.73 -9.00
N LYS B 366 -5.90 -12.96 -8.94
CA LYS B 366 -5.08 -14.10 -9.29
C LYS B 366 -4.69 -14.02 -10.77
N GLN B 367 -5.67 -13.76 -11.63
CA GLN B 367 -5.40 -13.63 -13.07
C GLN B 367 -4.42 -12.49 -13.37
N LEU B 368 -4.62 -11.34 -12.72
CA LEU B 368 -3.74 -10.19 -12.93
C LEU B 368 -2.31 -10.54 -12.54
N THR B 369 -2.18 -11.19 -11.38
CA THR B 369 -0.87 -11.65 -10.91
C THR B 369 -0.14 -12.52 -11.93
N GLU B 370 -0.85 -13.47 -12.50
CA GLU B 370 -0.27 -14.35 -13.50
C GLU B 370 0.21 -13.55 -14.72
N ALA B 371 -0.59 -12.57 -15.12
CA ALA B 371 -0.30 -11.85 -16.35
C ALA B 371 0.95 -10.99 -16.12
N VAL B 372 1.02 -10.38 -14.94
CA VAL B 372 2.17 -9.54 -14.61
C VAL B 372 3.47 -10.34 -14.68
N GLN B 373 3.45 -11.55 -14.14
CA GLN B 373 4.66 -12.37 -14.06
C GLN B 373 5.07 -12.81 -15.45
N LYS B 374 4.07 -13.24 -16.22
CA LYS B 374 4.31 -13.63 -17.60
C LYS B 374 4.86 -12.48 -18.45
N ILE B 375 4.28 -11.29 -18.28
CA ILE B 375 4.73 -10.13 -19.05
C ILE B 375 6.13 -9.73 -18.60
N THR B 376 6.37 -9.76 -17.30
CA THR B 376 7.73 -9.50 -16.77
C THR B 376 8.77 -10.47 -17.34
N THR B 377 8.42 -11.75 -17.35
CA THR B 377 9.32 -12.80 -17.85
C THR B 377 9.69 -12.55 -19.31
N GLU B 378 8.70 -12.19 -20.13
CA GLU B 378 8.96 -11.87 -21.52
C GLU B 378 9.91 -10.68 -21.63
N SER B 379 9.70 -9.66 -20.81
CA SER B 379 10.55 -8.47 -20.89
C SER B 379 11.99 -8.81 -20.57
N ILE B 380 12.20 -9.67 -19.58
CA ILE B 380 13.55 -10.06 -19.20
C ILE B 380 14.24 -10.75 -20.39
N VAL B 381 13.53 -11.65 -21.04
CA VAL B 381 14.08 -12.38 -22.18
C VAL B 381 14.37 -11.45 -23.35
N ILE B 382 13.44 -10.53 -23.62
CA ILE B 382 13.58 -9.64 -24.76
C ILE B 382 14.61 -8.56 -24.47
N TRP B 383 14.47 -7.84 -23.36
CA TRP B 383 15.28 -6.66 -23.12
C TRP B 383 16.21 -6.75 -21.91
N GLY B 384 16.11 -7.84 -21.16
CA GLY B 384 16.89 -7.94 -19.94
C GLY B 384 16.50 -6.88 -18.92
N LYS B 385 15.26 -6.41 -18.99
CA LYS B 385 14.76 -5.37 -18.08
C LYS B 385 13.33 -5.70 -17.68
N THR B 386 12.96 -5.28 -16.47
CA THR B 386 11.61 -5.44 -15.97
C THR B 386 10.84 -4.13 -16.19
N PRO B 387 9.57 -4.23 -16.61
CA PRO B 387 8.77 -3.02 -16.80
C PRO B 387 8.18 -2.50 -15.48
N LYS B 388 7.87 -1.21 -15.44
CA LYS B 388 6.94 -0.70 -14.42
C LYS B 388 5.51 -0.86 -14.93
N PHE B 389 4.68 -1.54 -14.16
CA PHE B 389 3.31 -1.81 -14.60
C PHE B 389 2.31 -0.73 -14.15
N LYS B 390 1.39 -0.41 -15.03
CA LYS B 390 0.21 0.34 -14.64
C LYS B 390 -0.98 -0.62 -14.44
N LEU B 391 -1.34 -0.85 -13.19
CA LEU B 391 -2.29 -1.89 -12.84
C LEU B 391 -3.71 -1.38 -12.61
N PRO B 392 -4.70 -2.00 -13.29
CA PRO B 392 -6.11 -1.64 -13.22
C PRO B 392 -6.81 -2.20 -11.99
N ILE B 393 -6.46 -1.68 -10.83
CA ILE B 393 -6.95 -2.24 -9.58
C ILE B 393 -6.68 -1.29 -8.42
N GLN B 394 -7.55 -1.33 -7.41
CA GLN B 394 -7.36 -0.56 -6.18
C GLN B 394 -6.06 -0.94 -5.49
N LYS B 395 -5.29 0.07 -5.12
CA LYS B 395 -4.00 -0.12 -4.47
C LYS B 395 -4.06 -1.10 -3.31
N GLU B 396 -5.01 -0.90 -2.42
CA GLU B 396 -5.10 -1.68 -1.19
C GLU B 396 -5.46 -3.13 -1.48
N THR B 397 -6.30 -3.33 -2.49
CA THR B 397 -6.73 -4.67 -2.87
C THR B 397 -5.53 -5.46 -3.32
N TRP B 398 -4.73 -4.86 -4.20
CA TRP B 398 -3.53 -5.51 -4.71
C TRP B 398 -2.54 -5.77 -3.58
N GLU B 399 -2.33 -4.77 -2.72
CA GLU B 399 -1.34 -4.89 -1.65
C GLU B 399 -1.66 -6.07 -0.73
N THR B 400 -2.93 -6.19 -0.36
CA THR B 400 -3.37 -7.28 0.50
C THR B 400 -3.15 -8.65 -0.16
N TRP B 401 -3.49 -8.75 -1.45
CA TRP B 401 -3.73 -10.05 -2.05
C TRP B 401 -2.66 -10.64 -2.98
N TRP B 402 -1.79 -9.81 -3.57
CA TRP B 402 -0.91 -10.30 -4.62
C TRP B 402 -0.02 -11.46 -4.17
N THR B 403 0.37 -11.43 -2.89
CA THR B 403 1.24 -12.44 -2.33
C THR B 403 0.66 -13.84 -2.36
N GLU B 404 -0.66 -13.96 -2.34
CA GLU B 404 -1.30 -15.27 -2.33
C GLU B 404 -0.96 -16.09 -3.57
N TYR B 405 -0.56 -15.42 -4.64
CA TYR B 405 -0.43 -16.06 -5.94
C TYR B 405 0.93 -15.85 -6.57
N TRP B 406 1.66 -14.84 -6.09
CA TRP B 406 2.98 -14.54 -6.62
C TRP B 406 3.90 -15.75 -6.50
N GLN B 407 4.63 -16.04 -7.57
CA GLN B 407 5.50 -17.21 -7.61
C GLN B 407 6.92 -16.86 -8.03
N ALA B 408 7.11 -15.67 -8.61
CA ALA B 408 8.44 -15.26 -9.08
C ALA B 408 9.32 -14.89 -7.88
N THR B 409 10.62 -14.74 -8.13
CA THR B 409 11.54 -14.35 -7.08
C THR B 409 11.98 -12.90 -7.20
N TRP B 410 11.52 -12.23 -8.25
CA TRP B 410 11.63 -10.77 -8.36
C TRP B 410 10.27 -10.10 -8.20
N ILE B 411 10.27 -8.78 -8.09
CA ILE B 411 9.04 -8.00 -8.02
C ILE B 411 9.22 -6.75 -8.90
N PRO B 412 8.36 -6.60 -9.92
CA PRO B 412 8.48 -5.38 -10.71
C PRO B 412 7.95 -4.19 -9.91
N GLU B 413 8.36 -2.99 -10.33
CA GLU B 413 7.67 -1.80 -9.88
C GLU B 413 6.28 -1.68 -10.50
N TRP B 414 5.35 -1.15 -9.71
CA TRP B 414 4.00 -0.94 -10.19
C TRP B 414 3.40 0.32 -9.61
N GLU B 415 2.43 0.87 -10.33
CA GLU B 415 1.57 1.91 -9.79
C GLU B 415 0.14 1.51 -10.14
N PHE B 416 -0.83 2.31 -9.71
CA PHE B 416 -2.22 1.91 -9.89
C PHE B 416 -3.03 2.96 -10.64
N VAL B 417 -3.76 2.50 -11.64
CA VAL B 417 -4.37 3.40 -12.62
C VAL B 417 -5.81 2.96 -12.95
N ASN B 418 -6.65 3.92 -13.31
CA ASN B 418 -8.00 3.62 -13.81
C ASN B 418 -7.95 3.57 -15.34
N THR B 419 -8.27 2.41 -15.92
CA THR B 419 -8.19 2.24 -17.36
C THR B 419 -9.17 3.19 -18.08
N PRO B 420 -8.68 3.94 -19.07
CA PRO B 420 -9.60 4.68 -19.93
C PRO B 420 -10.49 3.67 -20.63
N PRO B 421 -11.82 3.84 -20.52
CA PRO B 421 -12.75 2.89 -21.14
C PRO B 421 -12.52 2.74 -22.64
N LEU B 422 -11.96 3.78 -23.26
CA LEU B 422 -11.64 3.74 -24.68
C LEU B 422 -10.53 2.71 -24.98
N VAL B 423 -9.38 2.88 -24.34
CA VAL B 423 -8.24 1.98 -24.55
C VAL B 423 -8.60 0.50 -24.48
N LYS B 424 -9.40 0.13 -23.48
CA LYS B 424 -9.83 -1.26 -23.33
C LYS B 424 -10.49 -1.76 -24.62
N LEU B 425 -11.34 -0.91 -25.22
CA LEU B 425 -12.10 -1.28 -26.40
C LEU B 425 -11.19 -1.49 -27.60
N TRP B 426 -10.16 -0.66 -27.71
CA TRP B 426 -9.36 -0.61 -28.92
C TRP B 426 -8.38 -1.77 -29.03
N TYR B 427 -8.12 -2.42 -27.89
CA TYR B 427 -7.26 -3.60 -27.87
C TYR B 427 -8.06 -4.87 -27.64
N GLN B 428 -9.38 -4.80 -27.84
CA GLN B 428 -10.23 -5.97 -27.71
C GLN B 428 -9.86 -6.95 -28.82
N LEU B 429 -10.17 -8.22 -28.61
CA LEU B 429 -9.78 -9.26 -29.55
C LEU B 429 -10.98 -9.78 -30.34
C1 KR1 C . -2.77 -2.78 31.35
F1 KR1 C . -8.63 -7.23 34.32
N1 KR1 C . -2.63 -1.87 32.14
O1 KR1 C . -4.37 -7.71 31.37
C2 KR1 C . -2.66 -3.55 28.95
N2 KR1 C . -5.26 -10.68 27.64
O2 KR1 C . -3.08 -11.32 27.12
C3 KR1 C . -2.96 -3.83 30.35
N3 KR1 C . -5.80 -8.83 29.09
O3 KR1 C . -7.48 -10.10 28.12
C4 KR1 C . -3.45 -5.10 30.75
N4 KR1 C . -7.59 -11.73 33.15
C5 KR1 C . -3.61 -6.11 29.72
N5 KR1 C . -8.06 -9.46 33.61
C6 KR1 C . -3.31 -5.81 28.31
C7 KR1 C . -2.82 -4.54 27.95
C8 KR1 C . -4.12 -7.44 30.13
C9 KR1 C . -4.37 -8.58 29.25
C10 KR1 C . -2.49 -4.25 26.45
C11 KR1 C . -3.36 -9.37 28.64
C12 KR1 C . -3.85 -10.50 27.76
C13 KR1 C . -6.23 -9.89 28.26
C14 KR1 C . -1.84 -9.16 28.78
C15 KR1 C . -1.12 -10.46 29.35
C16 KR1 C . -1.21 -8.78 27.44
C17 KR1 C . -6.93 -8.07 29.70
C18 KR1 C . -7.33 -8.56 31.10
C19 KR1 C . -7.24 -10.02 31.45
C20 KR1 C . -7.62 -10.41 32.74
C21 KR1 C . -8.16 -8.11 33.33
C22 KR1 C . -7.81 -7.60 32.09
S SO4 D . -35.53 5.64 -35.15
O1 SO4 D . -35.34 5.55 -33.70
O2 SO4 D . -34.34 5.14 -35.87
O3 SO4 D . -35.78 7.06 -35.51
O4 SO4 D . -36.69 4.81 -35.52
S SO4 E . -40.12 6.77 -29.15
O1 SO4 E . -39.42 6.88 -27.86
O2 SO4 E . -40.62 8.11 -29.53
O3 SO4 E . -41.24 5.83 -29.01
O4 SO4 E . -39.20 6.26 -30.18
S SO4 F . -33.15 8.46 -40.02
O1 SO4 F . -34.12 8.78 -38.95
O2 SO4 F . -33.90 8.11 -41.23
O3 SO4 F . -32.31 7.32 -39.60
O4 SO4 F . -32.29 9.63 -40.27
S SO4 G . -21.54 21.09 -10.49
O1 SO4 G . -21.38 22.54 -10.70
O2 SO4 G . -22.88 20.82 -9.94
O3 SO4 G . -20.53 20.60 -9.54
O4 SO4 G . -21.37 20.38 -11.78
CL CL H . 5.27 -19.40 -24.30
#